data_4RVE
#
_entry.id   4RVE
#
_cell.length_a   60.200
_cell.length_b   78.400
_cell.length_c   371.300
_cell.angle_alpha   90.00
_cell.angle_beta   90.00
_cell.angle_gamma   90.00
#
_symmetry.space_group_name_H-M   'C 2 2 21'
#
loop_
_entity.id
_entity.type
_entity.pdbx_description
1 polymer "DNA (5'-D(*GP*GP*GP*AP*TP*AP*TP*CP*CP*C)-3')"
2 polymer 'PROTEIN (ECO RV (E.C.3.1.21.4))'
3 water water
#
loop_
_entity_poly.entity_id
_entity_poly.type
_entity_poly.pdbx_seq_one_letter_code
_entity_poly.pdbx_strand_id
1 'polydeoxyribonucleotide' (DG)(DG)(DG)(DA)(DT)(DA)(DT)(DC)(DC)(DC) D,E,F
2 'polypeptide(L)'
;SLRSDLINALYDENQKYDVCGIISAEGKIYPLGSDTKVLSTIFELFSRPIINKIAEKHGYIVEEPKQQNHYPDFTLYKPS
EPNKKIAIDIKTTYTNKENEKIKFTLGGYTSFIRNNTKNIVYPFDQYIAHWIIGYVYTRVATRKSSLKTYNINELNEIPK
PYKGVKVFLQDKWVIAGDLAGSGNTTNIGSIHAHYKDFVEGKGIFDSEDEFLDYWRNYERTSQLRNDKYNNISEYRNWIY
RGRK
;
A,B,C
#
loop_
_chem_comp.id
_chem_comp.type
_chem_comp.name
_chem_comp.formula
DA DNA linking 2'-DEOXYADENOSINE-5'-MONOPHOSPHATE 'C10 H14 N5 O6 P'
DC DNA linking 2'-DEOXYCYTIDINE-5'-MONOPHOSPHATE 'C9 H14 N3 O7 P'
DG DNA linking 2'-DEOXYGUANOSINE-5'-MONOPHOSPHATE 'C10 H14 N5 O7 P'
DT DNA linking THYMIDINE-5'-MONOPHOSPHATE 'C10 H15 N2 O8 P'
#
# COMPACT_ATOMS: atom_id res chain seq x y z
N SER D 1 8.46 45.99 -15.33
CA SER D 1 7.11 45.84 -15.83
C SER D 1 6.34 44.72 -15.14
N LEU D 2 5.39 44.13 -15.86
CA LEU D 2 4.59 43.04 -15.29
C LEU D 2 5.42 41.78 -15.24
N ARG D 3 6.08 41.56 -16.43
CA ARG D 3 6.96 40.46 -16.78
C ARG D 3 8.17 40.30 -15.88
N SER D 4 9.17 41.22 -15.92
CA SER D 4 10.35 41.04 -15.05
C SER D 4 10.02 41.04 -13.55
N ASP D 5 8.87 41.61 -13.22
CA ASP D 5 8.48 41.62 -11.85
C ASP D 5 8.22 40.21 -11.44
N LEU D 6 7.41 39.54 -12.25
CA LEU D 6 7.07 38.15 -12.02
C LEU D 6 8.30 37.30 -11.75
N ILE D 7 9.30 37.47 -12.63
CA ILE D 7 10.56 36.77 -12.58
C ILE D 7 11.25 36.87 -11.23
N ASN D 8 11.42 38.08 -10.71
CA ASN D 8 12.07 38.28 -9.42
C ASN D 8 11.41 37.40 -8.41
N ALA D 9 10.11 37.59 -8.30
CA ALA D 9 9.33 36.82 -7.37
C ALA D 9 9.61 35.30 -7.50
N LEU D 10 9.57 34.83 -8.73
CA LEU D 10 9.79 33.47 -9.10
C LEU D 10 11.28 33.09 -9.05
N TYR D 11 12.20 34.06 -8.77
CA TYR D 11 13.66 33.74 -8.72
C TYR D 11 14.33 33.91 -7.38
N ASP D 12 13.83 33.23 -6.39
CA ASP D 12 14.40 33.29 -5.06
C ASP D 12 14.09 34.52 -4.23
N GLU D 13 12.82 34.84 -4.09
CA GLU D 13 12.44 35.98 -3.29
C GLU D 13 12.42 35.46 -1.87
N ASN D 14 12.76 34.15 -1.80
CA ASN D 14 12.85 33.32 -0.62
C ASN D 14 12.39 31.88 -0.87
N GLN D 15 11.26 31.74 -1.59
CA GLN D 15 10.65 30.46 -1.93
C GLN D 15 11.61 29.30 -2.19
N LYS D 16 11.15 28.08 -1.87
CA LYS D 16 11.93 26.86 -2.03
C LYS D 16 11.33 25.84 -3.01
N TYR D 17 10.00 25.84 -3.14
CA TYR D 17 9.26 24.92 -4.02
C TYR D 17 9.38 23.42 -3.59
N ASP D 18 9.22 23.15 -2.32
CA ASP D 18 9.33 21.79 -1.86
C ASP D 18 8.00 21.29 -1.35
N VAL D 19 7.76 20.02 -1.57
CA VAL D 19 6.53 19.44 -1.14
C VAL D 19 6.75 18.30 -0.15
N CYS D 20 5.78 17.97 0.67
CA CYS D 20 6.07 16.90 1.57
C CYS D 20 5.26 15.73 1.28
N GLY D 21 3.98 15.94 1.39
CA GLY D 21 3.06 14.89 1.13
C GLY D 21 1.67 15.38 1.13
N ILE D 22 0.74 14.44 1.18
CA ILE D 22 -0.63 14.79 1.20
C ILE D 22 -0.98 15.02 2.67
N ILE D 23 -2.08 15.73 2.98
CA ILE D 23 -2.37 15.97 4.39
C ILE D 23 -3.83 16.07 4.76
N SER D 24 -4.23 15.14 5.62
CA SER D 24 -5.59 15.09 6.09
C SER D 24 -5.85 16.04 7.21
N ALA D 25 -7.10 16.15 7.52
CA ALA D 25 -7.49 17.02 8.57
C ALA D 25 -7.34 16.47 9.99
N GLU D 26 -6.96 15.21 10.15
CA GLU D 26 -6.79 14.70 11.51
C GLU D 26 -5.32 14.86 11.77
N GLY D 27 -4.70 15.41 10.74
CA GLY D 27 -3.30 15.71 10.73
C GLY D 27 -2.36 14.60 10.38
N LYS D 28 -2.85 13.57 9.71
CA LYS D 28 -1.93 12.49 9.37
C LYS D 28 -1.42 12.62 7.92
N ILE D 29 -0.07 12.74 7.73
CA ILE D 29 0.59 12.90 6.42
C ILE D 29 0.94 11.60 5.68
N TYR D 30 0.89 11.69 4.35
CA TYR D 30 1.19 10.61 3.40
C TYR D 30 2.17 11.05 2.34
N PRO D 31 3.23 10.32 2.14
CA PRO D 31 4.16 10.71 1.15
C PRO D 31 3.71 10.43 -0.28
N LEU D 32 4.53 11.06 -1.11
CA LEU D 32 4.43 11.07 -2.52
C LEU D 32 5.51 10.32 -3.30
N GLY D 33 5.18 10.08 -4.57
CA GLY D 33 6.01 9.40 -5.52
C GLY D 33 6.20 10.33 -6.66
N SER D 34 7.06 9.97 -7.62
CA SER D 34 7.37 10.81 -8.79
C SER D 34 6.30 10.91 -9.86
N ASP D 35 5.10 10.39 -9.60
CA ASP D 35 4.02 10.44 -10.57
C ASP D 35 3.74 11.82 -11.08
N THR D 36 3.94 11.95 -12.39
CA THR D 36 3.78 13.16 -13.18
C THR D 36 2.43 13.90 -13.17
N LYS D 37 1.37 13.15 -13.33
CA LYS D 37 0.06 13.72 -13.35
C LYS D 37 -0.20 14.46 -12.04
N VAL D 38 0.55 14.08 -10.99
CA VAL D 38 0.41 14.68 -9.66
C VAL D 38 1.34 15.85 -9.49
N LEU D 39 2.61 15.60 -9.70
CA LEU D 39 3.62 16.61 -9.59
C LEU D 39 3.31 17.81 -10.49
N SER D 40 2.75 17.54 -11.66
CA SER D 40 2.44 18.63 -12.53
C SER D 40 1.38 19.53 -11.92
N THR D 41 0.57 19.00 -11.03
CA THR D 41 -0.46 19.80 -10.42
C THR D 41 -0.03 20.50 -9.16
N ILE D 42 0.84 19.88 -8.44
CA ILE D 42 1.34 20.45 -7.23
C ILE D 42 2.15 21.70 -7.59
N PHE D 43 2.90 21.60 -8.71
CA PHE D 43 3.72 22.70 -9.16
C PHE D 43 2.86 23.83 -9.53
N GLU D 44 1.63 23.46 -9.81
CA GLU D 44 0.61 24.38 -10.18
C GLU D 44 0.18 25.15 -8.97
N LEU D 45 -0.23 24.43 -7.93
CA LEU D 45 -0.65 25.05 -6.70
C LEU D 45 0.38 26.09 -6.23
N PHE D 46 1.65 25.73 -6.34
CA PHE D 46 2.73 26.59 -5.94
C PHE D 46 2.75 27.89 -6.68
N SER D 47 2.49 27.79 -7.96
CA SER D 47 2.50 28.97 -8.80
C SER D 47 1.38 29.99 -8.61
N ARG D 48 0.16 29.57 -8.25
CA ARG D 48 -0.98 30.48 -8.07
C ARG D 48 -0.91 31.60 -7.06
N PRO D 49 -0.27 31.37 -5.96
CA PRO D 49 -0.23 32.49 -5.05
C PRO D 49 0.83 33.49 -5.57
N ILE D 50 1.92 32.97 -6.22
CA ILE D 50 3.00 33.80 -6.78
C ILE D 50 2.50 34.69 -7.90
N ILE D 51 1.63 34.15 -8.68
CA ILE D 51 1.09 34.87 -9.79
C ILE D 51 0.17 35.94 -9.29
N ASN D 52 -0.75 35.52 -8.47
CA ASN D 52 -1.73 36.43 -7.90
C ASN D 52 -1.12 37.65 -7.24
N LYS D 53 -0.13 37.43 -6.42
CA LYS D 53 0.50 38.52 -5.71
C LYS D 53 1.11 39.60 -6.62
N ILE D 54 1.61 39.19 -7.77
CA ILE D 54 2.21 40.16 -8.69
C ILE D 54 1.18 40.91 -9.51
N ALA D 55 0.32 40.16 -10.15
CA ALA D 55 -0.73 40.76 -10.99
C ALA D 55 -1.52 41.79 -10.21
N GLU D 56 -2.01 41.30 -9.10
CA GLU D 56 -2.81 42.08 -8.22
C GLU D 56 -2.14 43.38 -7.87
N LYS D 57 -0.81 43.38 -7.80
CA LYS D 57 -0.08 44.60 -7.46
C LYS D 57 0.28 45.47 -8.67
N HIS D 58 -0.42 45.23 -9.78
CA HIS D 58 -0.22 45.97 -11.01
C HIS D 58 -1.59 46.21 -11.62
N GLY D 59 -2.59 45.87 -10.79
CA GLY D 59 -4.00 45.99 -11.12
C GLY D 59 -4.57 45.05 -12.21
N TYR D 60 -4.15 43.79 -12.18
CA TYR D 60 -4.65 42.84 -13.16
C TYR D 60 -5.64 41.90 -12.54
N ILE D 61 -6.58 41.46 -13.33
CA ILE D 61 -7.55 40.54 -12.83
C ILE D 61 -7.02 39.17 -13.29
N VAL D 62 -7.36 38.08 -12.58
CA VAL D 62 -6.88 36.75 -12.95
C VAL D 62 -7.99 35.78 -13.32
N GLU D 63 -7.68 34.91 -14.28
CA GLU D 63 -8.64 33.91 -14.72
C GLU D 63 -8.13 32.46 -14.73
N GLU D 64 -8.97 31.55 -14.20
CA GLU D 64 -8.64 30.13 -14.13
C GLU D 64 -9.70 29.29 -14.84
N PRO D 65 -9.33 28.18 -15.50
CA PRO D 65 -10.39 27.44 -16.15
C PRO D 65 -11.31 26.73 -15.18
N LYS D 66 -12.49 26.48 -15.68
CA LYS D 66 -13.46 25.80 -14.92
C LYS D 66 -13.34 24.35 -15.38
N GLN D 67 -13.11 24.17 -16.68
CA GLN D 67 -12.95 22.86 -17.26
C GLN D 67 -11.55 22.42 -17.02
N GLN D 68 -11.35 21.22 -16.67
CA GLN D 68 -9.98 20.92 -16.48
C GLN D 68 -9.20 20.73 -17.78
N ASN D 69 -9.90 20.71 -18.89
CA ASN D 69 -9.16 20.52 -20.13
C ASN D 69 -9.10 21.69 -21.15
N HIS D 70 -9.03 22.91 -20.63
CA HIS D 70 -8.95 24.12 -21.43
C HIS D 70 -7.68 24.87 -21.08
N TYR D 71 -7.18 25.62 -22.05
CA TYR D 71 -5.99 26.42 -21.92
C TYR D 71 -6.37 27.91 -21.77
N PRO D 72 -5.61 28.70 -20.99
CA PRO D 72 -4.42 28.30 -20.25
C PRO D 72 -4.74 28.17 -18.76
N ASP D 73 -3.77 27.67 -17.94
CA ASP D 73 -4.04 27.52 -16.50
C ASP D 73 -4.45 28.82 -15.89
N PHE D 74 -3.67 29.82 -16.22
CA PHE D 74 -3.86 31.16 -15.76
C PHE D 74 -4.24 32.11 -16.87
N THR D 75 -4.97 33.14 -16.51
CA THR D 75 -5.42 34.16 -17.46
C THR D 75 -5.56 35.53 -16.80
N LEU D 76 -4.46 36.33 -16.87
CA LEU D 76 -4.36 37.70 -16.31
C LEU D 76 -4.95 38.75 -17.21
N TYR D 77 -5.82 39.56 -16.69
CA TYR D 77 -6.35 40.57 -17.54
C TYR D 77 -6.64 41.88 -16.85
N LYS D 78 -6.58 43.00 -17.64
CA LYS D 78 -6.83 44.37 -17.20
C LYS D 78 -8.16 44.73 -17.78
N PRO D 79 -9.12 45.02 -16.96
CA PRO D 79 -10.42 45.36 -17.51
C PRO D 79 -10.47 46.64 -18.38
N SER D 80 -9.53 47.56 -18.11
CA SER D 80 -9.40 48.85 -18.82
C SER D 80 -8.82 48.64 -20.19
N GLU D 81 -8.63 47.39 -20.49
CA GLU D 81 -8.09 46.92 -21.74
C GLU D 81 -8.37 45.44 -21.82
N PRO D 82 -9.67 45.05 -21.90
CA PRO D 82 -10.07 43.64 -21.96
C PRO D 82 -9.55 42.83 -23.14
N ASN D 83 -9.15 43.47 -24.20
CA ASN D 83 -8.63 42.77 -25.37
C ASN D 83 -7.12 42.53 -25.27
N LYS D 84 -6.58 42.81 -24.11
CA LYS D 84 -5.17 42.63 -23.88
C LYS D 84 -5.01 41.50 -22.89
N LYS D 85 -5.36 40.30 -23.33
CA LYS D 85 -5.27 39.14 -22.48
C LYS D 85 -3.95 38.42 -22.65
N ILE D 86 -3.36 37.99 -21.51
CA ILE D 86 -2.08 37.27 -21.41
C ILE D 86 -2.22 35.84 -20.84
N ALA D 87 -1.55 34.86 -21.44
CA ALA D 87 -1.64 33.50 -20.91
C ALA D 87 -0.39 33.04 -20.15
N ILE D 88 -0.61 32.17 -19.15
CA ILE D 88 0.44 31.57 -18.31
C ILE D 88 0.18 30.05 -18.10
N ASP D 89 1.14 29.22 -18.41
CA ASP D 89 0.95 27.82 -18.26
C ASP D 89 2.12 27.20 -17.65
N ILE D 90 1.89 26.41 -16.66
CA ILE D 90 2.95 25.71 -15.96
C ILE D 90 3.34 24.48 -16.72
N LYS D 91 4.64 24.32 -16.95
CA LYS D 91 5.18 23.17 -17.65
C LYS D 91 6.36 22.57 -16.89
N THR D 92 6.28 21.24 -16.62
CA THR D 92 7.31 20.51 -15.90
C THR D 92 7.91 19.34 -16.61
N THR D 93 9.12 19.10 -16.24
CA THR D 93 9.85 18.01 -16.75
C THR D 93 10.92 17.62 -15.80
N TYR D 94 11.41 16.39 -15.93
CA TYR D 94 12.45 15.91 -15.02
C TYR D 94 13.73 15.39 -15.68
N THR D 95 14.74 15.20 -14.86
CA THR D 95 16.02 14.69 -15.30
C THR D 95 16.65 14.02 -14.13
N ASN D 96 17.60 13.13 -14.40
CA ASN D 96 18.32 12.37 -13.37
C ASN D 96 19.68 13.01 -13.16
N LYS D 97 20.57 12.86 -14.12
CA LYS D 97 21.87 13.48 -13.98
C LYS D 97 21.63 14.99 -14.03
N GLU D 98 21.73 15.66 -12.89
CA GLU D 98 21.51 17.10 -12.85
C GLU D 98 22.25 17.91 -13.91
N ASN D 99 21.82 17.79 -15.19
CA ASN D 99 22.45 18.52 -16.30
C ASN D 99 21.97 18.18 -17.71
N GLU D 100 21.75 16.87 -17.99
CA GLU D 100 21.30 16.36 -19.30
C GLU D 100 20.39 17.32 -20.11
N LYS D 101 20.18 17.08 -21.42
CA LYS D 101 19.32 17.99 -22.20
C LYS D 101 17.83 17.95 -21.76
N ILE D 102 17.00 18.86 -22.30
CA ILE D 102 15.57 18.84 -21.90
C ILE D 102 14.50 18.91 -23.02
N LYS D 103 13.25 18.53 -22.66
CA LYS D 103 12.10 18.52 -23.58
C LYS D 103 10.79 18.76 -22.87
N PHE D 104 9.90 19.63 -23.39
CA PHE D 104 8.60 19.89 -22.75
C PHE D 104 7.47 19.61 -23.74
N THR D 105 6.21 19.72 -23.33
CA THR D 105 5.09 19.49 -24.27
C THR D 105 4.16 20.60 -24.02
N LEU D 106 4.11 21.54 -24.96
CA LEU D 106 3.28 22.68 -24.77
C LEU D 106 2.02 22.80 -25.51
N GLY D 107 0.94 22.07 -25.13
CA GLY D 107 -0.36 22.19 -25.81
C GLY D 107 -0.60 21.47 -27.16
N GLY D 108 -1.88 21.46 -27.57
CA GLY D 108 -2.31 20.82 -28.80
C GLY D 108 -2.34 21.69 -30.07
N TYR D 109 -1.82 21.06 -31.14
CA TYR D 109 -1.74 21.69 -32.43
C TYR D 109 -2.93 21.55 -33.30
N THR D 110 -4.07 21.30 -32.75
CA THR D 110 -5.20 21.15 -33.60
C THR D 110 -6.45 21.79 -32.98
N SER D 111 -6.22 22.61 -31.95
CA SER D 111 -7.30 23.29 -31.28
C SER D 111 -7.31 24.84 -31.53
N PHE D 112 -7.11 25.72 -30.49
CA PHE D 112 -7.10 27.20 -30.66
C PHE D 112 -6.08 27.64 -31.68
N ILE D 113 -5.07 26.81 -31.86
CA ILE D 113 -4.05 27.13 -32.82
C ILE D 113 -4.64 27.12 -34.23
N ARG D 114 -5.85 26.58 -34.43
CA ARG D 114 -6.46 26.56 -35.80
C ARG D 114 -7.94 26.84 -35.86
N ASN D 115 -8.55 27.22 -34.75
CA ASN D 115 -9.95 27.47 -34.83
C ASN D 115 -10.50 28.47 -33.86
N ASN D 116 -9.60 29.22 -33.29
CA ASN D 116 -9.96 30.24 -32.38
C ASN D 116 -10.63 29.85 -31.10
N THR D 117 -11.30 28.74 -30.99
CA THR D 117 -11.87 28.64 -29.67
C THR D 117 -11.98 27.32 -29.06
N LYS D 118 -11.38 26.29 -29.66
CA LYS D 118 -11.47 24.93 -29.12
C LYS D 118 -10.63 24.67 -27.92
N ASN D 119 -11.32 24.36 -26.84
CA ASN D 119 -10.64 24.08 -25.60
C ASN D 119 -9.78 25.23 -24.97
N ILE D 120 -10.24 26.47 -25.22
CA ILE D 120 -9.64 27.74 -24.77
C ILE D 120 -10.66 28.56 -23.93
N VAL D 121 -10.16 29.24 -22.89
CA VAL D 121 -10.97 30.06 -21.95
C VAL D 121 -11.63 31.33 -22.48
N TYR D 122 -10.97 31.97 -23.42
CA TYR D 122 -11.41 33.19 -24.10
C TYR D 122 -10.89 32.99 -25.51
N PRO D 123 -11.22 33.83 -26.49
CA PRO D 123 -10.67 33.53 -27.81
C PRO D 123 -9.24 33.95 -28.01
N PHE D 124 -8.57 33.06 -28.76
CA PHE D 124 -7.18 33.17 -29.08
C PHE D 124 -6.77 34.54 -29.52
N ASP D 125 -7.68 35.19 -30.20
CA ASP D 125 -7.48 36.50 -30.70
C ASP D 125 -7.45 37.56 -29.59
N GLN D 126 -7.97 37.22 -28.43
CA GLN D 126 -7.96 38.17 -27.37
C GLN D 126 -6.72 38.09 -26.53
N TYR D 127 -5.74 37.31 -26.96
CA TYR D 127 -4.52 37.20 -26.18
C TYR D 127 -3.38 37.88 -26.87
N ILE D 128 -2.60 38.66 -26.09
CA ILE D 128 -1.42 39.38 -26.59
C ILE D 128 -0.17 38.52 -26.47
N ALA D 129 0.05 38.06 -25.22
CA ALA D 129 1.17 37.23 -24.79
C ALA D 129 0.75 35.90 -24.16
N HIS D 130 1.54 34.87 -24.46
CA HIS D 130 1.37 33.51 -23.96
C HIS D 130 2.69 33.12 -23.28
N TRP D 131 2.65 32.93 -21.95
CA TRP D 131 3.84 32.59 -21.18
C TRP D 131 3.95 31.18 -20.62
N ILE D 132 5.18 30.70 -20.60
CA ILE D 132 5.47 29.40 -20.06
C ILE D 132 6.34 29.52 -18.81
N ILE D 133 5.85 29.07 -17.69
CA ILE D 133 6.63 29.09 -16.46
C ILE D 133 7.10 27.59 -16.40
N GLY D 134 8.38 27.31 -16.66
CA GLY D 134 8.83 25.93 -16.62
C GLY D 134 9.60 25.48 -15.37
N TYR D 135 9.26 24.29 -14.90
CA TYR D 135 9.89 23.70 -13.75
C TYR D 135 10.57 22.42 -14.22
N VAL D 136 11.80 22.21 -13.72
CA VAL D 136 12.65 21.06 -13.99
C VAL D 136 12.99 20.45 -12.67
N TYR D 137 13.36 19.19 -12.63
CA TYR D 137 13.67 18.68 -11.32
C TYR D 137 14.35 17.33 -11.36
N THR D 138 15.06 17.06 -10.30
CA THR D 138 15.72 15.83 -10.22
C THR D 138 14.86 14.95 -9.43
N ARG D 139 14.55 13.84 -10.01
CA ARG D 139 13.70 12.99 -9.30
C ARG D 139 14.39 11.79 -8.77
N VAL D 140 14.01 11.38 -7.58
CA VAL D 140 14.64 10.21 -7.00
C VAL D 140 14.48 9.03 -7.95
N ALA D 141 15.57 8.74 -8.68
CA ALA D 141 15.64 7.64 -9.66
C ALA D 141 14.87 6.41 -9.24
N THR D 142 14.35 5.69 -10.23
CA THR D 142 13.57 4.49 -9.98
C THR D 142 12.15 4.83 -9.54
N ARG D 143 11.96 4.84 -8.21
CA ARG D 143 10.70 5.14 -7.51
C ARG D 143 10.36 4.26 -6.32
N LYS D 144 10.30 4.91 -5.16
CA LYS D 144 9.98 4.27 -3.90
C LYS D 144 9.05 5.16 -3.10
N SER D 145 7.77 4.80 -3.08
CA SER D 145 6.77 5.56 -2.37
C SER D 145 6.65 5.20 -0.90
N SER D 146 6.51 3.90 -0.62
CA SER D 146 6.37 3.43 0.74
C SER D 146 5.02 3.84 1.29
N LEU D 147 4.58 3.20 2.36
CA LEU D 147 3.28 3.54 2.92
C LEU D 147 3.26 3.93 4.38
N LYS D 148 4.14 4.84 4.78
CA LYS D 148 4.16 5.28 6.15
C LYS D 148 3.42 6.57 6.29
N THR D 149 2.74 6.72 7.41
CA THR D 149 1.97 7.93 7.66
C THR D 149 2.53 8.82 8.75
N TYR D 150 3.52 9.62 8.43
CA TYR D 150 4.13 10.53 9.41
C TYR D 150 3.12 11.54 10.04
N ASN D 151 3.68 12.70 10.37
CA ASN D 151 2.96 13.80 10.94
C ASN D 151 3.89 14.96 11.25
N ILE D 152 3.28 16.15 11.23
CA ILE D 152 3.89 17.44 11.44
C ILE D 152 5.22 17.47 12.16
N ASN D 153 5.35 16.61 13.14
CA ASN D 153 6.58 16.56 13.90
C ASN D 153 7.67 15.80 13.16
N GLU D 154 7.23 14.80 12.44
CA GLU D 154 8.12 14.00 11.68
C GLU D 154 8.27 14.55 10.30
N LEU D 155 7.91 15.84 10.15
CA LEU D 155 7.99 16.54 8.89
C LEU D 155 9.31 16.36 8.21
N ASN D 156 10.33 16.07 8.97
CA ASN D 156 11.65 15.88 8.40
C ASN D 156 12.00 14.47 7.99
N GLU D 157 11.50 13.52 8.69
CA GLU D 157 11.80 12.18 8.31
C GLU D 157 11.15 11.80 6.94
N ILE D 158 10.18 12.63 6.47
CA ILE D 158 9.53 12.33 5.22
C ILE D 158 10.30 12.55 3.97
N PRO D 159 10.33 11.49 3.18
CA PRO D 159 11.02 11.46 1.89
C PRO D 159 10.31 12.33 0.91
N LYS D 160 11.08 13.08 0.13
CA LYS D 160 10.53 13.98 -0.87
C LYS D 160 10.50 13.30 -2.20
N PRO D 161 9.60 13.63 -3.07
CA PRO D 161 9.60 12.95 -4.34
C PRO D 161 10.66 13.45 -5.32
N TYR D 162 11.11 14.71 -5.13
CA TYR D 162 12.11 15.35 -6.00
C TYR D 162 13.07 16.25 -5.25
N LYS D 163 14.06 16.79 -6.00
CA LYS D 163 15.10 17.70 -5.45
C LYS D 163 15.71 18.62 -6.52
N GLY D 164 16.40 19.66 -6.07
CA GLY D 164 17.02 20.60 -6.98
C GLY D 164 16.07 21.11 -8.06
N VAL D 165 15.05 21.85 -7.66
CA VAL D 165 14.07 22.41 -8.59
C VAL D 165 14.61 23.65 -9.31
N LYS D 166 14.16 23.86 -10.55
CA LYS D 166 14.55 25.01 -11.38
C LYS D 166 13.35 25.64 -12.05
N VAL D 167 13.38 26.94 -12.31
CA VAL D 167 12.24 27.58 -12.92
C VAL D 167 12.68 28.67 -13.94
N PHE D 168 11.83 28.91 -14.96
CA PHE D 168 12.08 29.90 -16.00
C PHE D 168 10.78 30.50 -16.53
N LEU D 169 10.85 31.72 -17.00
CA LEU D 169 9.70 32.43 -17.56
C LEU D 169 10.12 32.77 -18.96
N GLN D 170 9.25 32.46 -19.93
CA GLN D 170 9.58 32.70 -21.31
C GLN D 170 8.38 32.64 -22.20
N ASP D 171 8.49 33.11 -23.42
CA ASP D 171 7.36 33.09 -24.32
C ASP D 171 7.16 31.73 -24.99
N LYS D 172 5.87 31.38 -25.29
CA LYS D 172 5.52 30.10 -25.95
C LYS D 172 6.22 29.89 -27.32
N TRP D 173 6.18 30.87 -28.22
CA TRP D 173 6.84 30.72 -29.51
C TRP D 173 8.35 30.67 -29.44
N VAL D 174 8.95 31.15 -28.39
CA VAL D 174 10.39 31.11 -28.36
C VAL D 174 10.93 29.78 -27.94
N ILE D 175 10.14 29.05 -27.16
CA ILE D 175 10.62 27.75 -26.70
C ILE D 175 10.08 26.55 -27.44
N ALA D 176 9.22 26.77 -28.44
CA ALA D 176 8.65 25.67 -29.22
C ALA D 176 9.66 25.08 -30.18
N GLY D 177 9.34 23.89 -30.73
CA GLY D 177 10.19 23.16 -31.67
C GLY D 177 9.49 22.80 -32.99
N ASP D 178 9.97 21.78 -33.71
CA ASP D 178 9.36 21.37 -35.00
C ASP D 178 8.90 19.91 -35.03
N LEU D 179 9.02 19.26 -33.85
CA LEU D 179 8.64 17.86 -33.63
C LEU D 179 7.54 17.74 -32.61
N ALA D 180 6.77 16.68 -32.67
CA ALA D 180 5.70 16.57 -31.70
C ALA D 180 6.15 16.36 -30.24
N GLY D 181 5.27 16.65 -29.29
CA GLY D 181 5.62 16.49 -27.91
C GLY D 181 5.23 15.12 -27.52
N SER D 182 4.07 14.75 -28.07
CA SER D 182 3.36 13.49 -27.96
C SER D 182 2.65 13.24 -29.28
N GLY D 183 2.05 12.09 -29.43
CA GLY D 183 1.39 11.88 -30.70
C GLY D 183 -0.11 11.81 -30.71
N ASN D 184 -0.65 10.75 -30.01
CA ASN D 184 -2.08 10.46 -29.90
C ASN D 184 -2.85 11.55 -29.31
N THR D 185 -2.12 12.38 -28.56
CA THR D 185 -2.67 13.52 -27.89
C THR D 185 -2.35 14.83 -28.61
N THR D 186 -1.61 14.71 -29.71
CA THR D 186 -1.27 15.87 -30.52
C THR D 186 -0.74 17.14 -29.79
N ASN D 187 0.49 17.07 -29.32
CA ASN D 187 1.04 18.21 -28.62
C ASN D 187 2.30 18.84 -29.29
N ILE D 188 2.45 20.13 -29.06
CA ILE D 188 3.54 20.86 -29.58
C ILE D 188 4.75 20.38 -28.78
N GLY D 189 5.94 20.30 -29.41
CA GLY D 189 7.15 19.85 -28.70
C GLY D 189 8.05 21.04 -28.32
N SER D 190 8.52 21.13 -27.10
CA SER D 190 9.37 22.26 -26.79
C SER D 190 10.71 21.98 -27.39
N ILE D 191 11.61 22.96 -27.40
CA ILE D 191 12.90 22.68 -27.98
C ILE D 191 13.67 21.66 -27.14
N HIS D 192 14.62 20.90 -27.77
CA HIS D 192 15.41 19.90 -27.03
C HIS D 192 16.81 20.41 -26.64
N ALA D 193 16.90 21.37 -25.73
CA ALA D 193 18.20 21.86 -25.37
C ALA D 193 18.65 21.68 -23.94
N HIS D 194 19.15 22.77 -23.40
CA HIS D 194 19.67 22.88 -22.06
C HIS D 194 18.99 24.03 -21.40
N TYR D 195 18.58 23.81 -20.13
CA TYR D 195 17.92 24.78 -19.26
C TYR D 195 18.08 26.16 -19.77
N LYS D 196 19.33 26.63 -19.64
CA LYS D 196 19.77 27.97 -20.06
C LYS D 196 19.28 28.45 -21.40
N ASP D 197 19.38 27.62 -22.47
CA ASP D 197 18.90 28.02 -23.80
C ASP D 197 17.55 28.62 -23.67
N PHE D 198 16.77 27.97 -22.76
CA PHE D 198 15.40 28.31 -22.37
C PHE D 198 15.45 29.67 -21.73
N VAL D 199 16.36 29.84 -20.77
CA VAL D 199 16.45 31.14 -20.14
C VAL D 199 16.89 32.12 -21.14
N GLU D 200 17.82 31.72 -21.97
CA GLU D 200 18.30 32.59 -23.02
C GLU D 200 17.13 32.92 -23.97
N GLY D 201 16.27 31.95 -24.21
CA GLY D 201 15.21 32.24 -25.12
C GLY D 201 15.86 32.27 -26.45
N LYS D 202 16.64 31.18 -26.59
CA LYS D 202 17.47 30.81 -27.71
C LYS D 202 16.86 29.65 -28.47
N GLY D 203 15.80 29.96 -29.23
CA GLY D 203 15.06 28.98 -30.01
C GLY D 203 15.52 28.65 -31.43
N ILE D 204 14.52 28.52 -32.27
CA ILE D 204 14.68 28.19 -33.65
C ILE D 204 13.76 29.04 -34.51
N PHE D 205 12.50 29.16 -34.11
CA PHE D 205 11.59 29.93 -34.91
C PHE D 205 12.07 31.33 -34.99
N ASP D 206 11.68 32.03 -36.06
CA ASP D 206 12.06 33.41 -36.28
C ASP D 206 11.07 34.29 -35.61
N SER D 207 9.82 33.93 -35.82
CA SER D 207 8.79 34.70 -35.25
C SER D 207 7.70 33.89 -34.65
N GLU D 208 6.90 34.68 -33.93
CA GLU D 208 5.76 34.15 -33.29
C GLU D 208 4.83 33.76 -34.43
N ASP D 209 5.17 34.25 -35.66
CA ASP D 209 4.41 33.97 -36.88
C ASP D 209 4.81 32.64 -37.46
N GLU D 210 6.11 32.45 -37.64
CA GLU D 210 6.61 31.22 -38.20
C GLU D 210 6.09 30.00 -37.40
N PHE D 211 6.22 30.05 -36.06
CA PHE D 211 5.75 28.94 -35.23
C PHE D 211 4.26 28.63 -35.41
N LEU D 212 3.48 29.71 -35.54
CA LEU D 212 2.05 29.61 -35.73
C LEU D 212 1.82 28.77 -37.01
N ASP D 213 2.24 29.32 -38.18
CA ASP D 213 2.11 28.68 -39.50
C ASP D 213 2.64 27.28 -39.45
N TYR D 214 3.70 27.19 -38.69
CA TYR D 214 4.31 25.95 -38.54
C TYR D 214 3.36 24.97 -37.94
N TRP D 215 3.06 25.10 -36.66
CA TRP D 215 2.15 24.15 -36.04
C TRP D 215 0.75 24.09 -36.61
N ARG D 216 0.39 25.15 -37.32
CA ARG D 216 -0.92 25.26 -37.91
C ARG D 216 -1.04 24.36 -39.04
N ASN D 217 0.13 23.96 -39.48
CA ASN D 217 0.29 23.09 -40.59
C ASN D 217 0.68 21.62 -40.32
N TYR D 218 1.20 21.35 -39.13
CA TYR D 218 1.60 20.01 -38.76
C TYR D 218 0.57 18.93 -39.03
N GLU D 219 0.90 18.10 -39.98
CA GLU D 219 0.01 17.05 -40.29
C GLU D 219 0.03 16.12 -39.15
N ARG D 220 -1.14 15.56 -38.84
CA ARG D 220 -1.32 14.63 -37.75
C ARG D 220 -0.38 13.43 -37.77
N THR D 221 0.12 13.00 -38.93
CA THR D 221 1.02 11.83 -38.88
C THR D 221 2.04 11.68 -40.00
N SER D 222 2.99 10.76 -39.75
CA SER D 222 4.10 10.40 -40.63
C SER D 222 3.77 10.37 -42.12
N GLN D 223 2.73 9.63 -42.48
CA GLN D 223 2.32 9.50 -43.86
C GLN D 223 2.21 10.84 -44.57
N LEU D 224 1.30 11.67 -44.07
CA LEU D 224 1.05 12.99 -44.61
C LEU D 224 2.22 13.97 -44.57
N ARG D 225 2.83 14.12 -43.39
CA ARG D 225 3.95 15.04 -43.24
C ARG D 225 5.29 14.59 -43.79
N ASN D 226 5.46 13.29 -44.04
CA ASN D 226 6.72 12.81 -44.57
C ASN D 226 7.00 13.29 -45.99
N ASP D 227 5.96 13.70 -46.70
CA ASP D 227 6.11 14.19 -48.08
C ASP D 227 5.79 15.68 -48.25
N LYS D 228 5.65 16.35 -47.09
CA LYS D 228 5.36 17.78 -46.91
C LYS D 228 6.51 18.43 -46.15
N TYR D 229 6.46 18.25 -44.86
CA TYR D 229 7.48 18.80 -44.03
C TYR D 229 7.46 18.15 -42.67
N ASN D 230 8.69 17.87 -42.17
CA ASN D 230 8.99 17.23 -40.91
C ASN D 230 9.95 17.99 -40.03
N ASN D 231 10.16 19.26 -40.33
CA ASN D 231 11.05 20.07 -39.52
C ASN D 231 11.15 21.46 -40.09
N ILE D 232 11.58 22.42 -39.27
CA ILE D 232 11.67 23.77 -39.80
C ILE D 232 12.47 23.92 -41.08
N SER D 233 13.67 23.34 -41.08
CA SER D 233 14.59 23.37 -42.19
C SER D 233 13.92 22.85 -43.43
N GLU D 234 12.80 22.16 -43.22
CA GLU D 234 11.98 21.57 -44.25
C GLU D 234 10.80 22.47 -44.48
N TYR D 235 10.34 23.06 -43.36
CA TYR D 235 9.20 23.97 -43.43
C TYR D 235 9.51 25.03 -44.46
N ARG D 236 10.67 25.67 -44.23
CA ARG D 236 11.22 26.72 -45.05
C ARG D 236 10.89 26.56 -46.54
N ASN D 237 11.62 25.72 -47.27
CA ASN D 237 11.38 25.50 -48.71
C ASN D 237 9.93 25.30 -49.05
N TRP D 238 9.28 24.43 -48.28
CA TRP D 238 7.85 24.12 -48.47
C TRP D 238 7.04 25.41 -48.63
N ILE D 239 7.49 26.42 -47.92
CA ILE D 239 6.88 27.70 -47.95
C ILE D 239 6.89 28.28 -49.37
N TYR D 240 7.58 27.50 -50.30
CA TYR D 240 7.81 27.68 -51.78
C TYR D 240 8.09 26.28 -52.44
N SER E 1 -12.58 -15.30 2.44
CA SER E 1 -12.31 -14.91 1.07
C SER E 1 -11.71 -13.54 0.96
N LEU E 2 -10.54 -13.49 0.30
CA LEU E 2 -9.79 -12.28 0.07
C LEU E 2 -10.80 -11.23 -0.38
N ARG E 3 -11.71 -11.72 -1.20
CA ARG E 3 -12.74 -10.88 -1.71
C ARG E 3 -13.70 -10.46 -0.68
N SER E 4 -14.37 -11.43 -0.08
CA SER E 4 -15.36 -11.09 0.91
C SER E 4 -14.81 -10.20 1.99
N ASP E 5 -13.59 -10.56 2.44
CA ASP E 5 -12.89 -9.84 3.47
C ASP E 5 -12.62 -8.45 3.00
N LEU E 6 -12.22 -8.37 1.75
CA LEU E 6 -11.92 -7.11 1.15
C LEU E 6 -13.14 -6.20 1.16
N ILE E 7 -14.17 -6.68 0.45
CA ILE E 7 -15.44 -5.98 0.34
C ILE E 7 -15.90 -5.50 1.70
N ASN E 8 -15.75 -6.40 2.65
CA ASN E 8 -16.14 -6.11 3.99
C ASN E 8 -15.44 -4.86 4.51
N ALA E 9 -14.09 -4.88 4.55
CA ALA E 9 -13.30 -3.74 5.03
C ALA E 9 -13.44 -2.46 4.19
N LEU E 10 -13.92 -2.57 2.94
CA LEU E 10 -14.07 -1.35 2.17
C LEU E 10 -15.18 -0.49 2.71
N TYR E 11 -16.34 -1.11 3.08
CA TYR E 11 -17.47 -0.34 3.62
C TYR E 11 -17.26 0.04 5.05
N ASP E 12 -16.83 1.27 5.29
CA ASP E 12 -16.57 1.84 6.62
C ASP E 12 -16.45 0.89 7.81
N GLU E 13 -15.23 0.48 8.09
CA GLU E 13 -14.97 -0.40 9.22
C GLU E 13 -14.48 0.48 10.35
N ASN E 14 -14.23 1.73 9.94
CA ASN E 14 -13.75 2.82 10.77
C ASN E 14 -13.08 3.88 9.91
N GLN E 15 -13.13 3.65 8.60
CA GLN E 15 -12.53 4.55 7.61
C GLN E 15 -13.37 5.79 7.33
N LYS E 16 -12.67 6.93 7.26
CA LYS E 16 -13.29 8.22 6.99
C LYS E 16 -12.48 9.03 5.98
N TYR E 17 -13.16 9.49 4.94
CA TYR E 17 -12.54 10.27 3.89
C TYR E 17 -12.41 11.73 4.28
N ASP E 18 -11.17 12.10 4.65
CA ASP E 18 -10.79 13.46 5.09
C ASP E 18 -9.48 14.10 4.58
N VAL E 19 -9.16 13.97 3.28
CA VAL E 19 -7.94 14.57 2.74
C VAL E 19 -8.21 16.05 2.43
N CYS E 20 -7.63 16.99 3.21
CA CYS E 20 -7.85 18.43 2.98
C CYS E 20 -6.90 19.15 2.02
N GLY E 21 -5.59 18.90 2.05
CA GLY E 21 -4.74 19.64 1.12
C GLY E 21 -3.33 19.10 0.92
N ILE E 22 -2.51 19.90 0.24
CA ILE E 22 -1.12 19.53 -0.03
C ILE E 22 -0.13 20.31 0.86
N ILE E 23 1.00 19.71 1.19
CA ILE E 23 1.92 20.40 2.07
C ILE E 23 3.38 20.44 1.63
N SER E 24 3.90 21.65 1.69
CA SER E 24 5.26 21.99 1.32
C SER E 24 6.20 21.98 2.49
N ALA E 25 7.47 21.70 2.22
CA ALA E 25 8.47 21.68 3.26
C ALA E 25 8.43 22.96 4.15
N GLU E 26 7.91 24.09 3.61
CA GLU E 26 7.84 25.32 4.38
C GLU E 26 6.77 25.27 5.51
N GLY E 27 6.06 24.17 5.54
CA GLY E 27 5.03 23.99 6.52
C GLY E 27 3.72 24.66 6.08
N LYS E 28 3.62 25.28 4.90
CA LYS E 28 2.34 25.92 4.53
C LYS E 28 1.53 25.09 3.56
N ILE E 29 0.22 24.93 3.89
CA ILE E 29 -0.84 24.18 3.18
C ILE E 29 -1.62 24.83 2.05
N TYR E 30 -1.69 24.10 0.91
CA TYR E 30 -2.40 24.49 -0.35
C TYR E 30 -3.60 23.55 -0.67
N PRO E 31 -4.83 24.05 -0.61
CA PRO E 31 -5.98 23.20 -0.88
C PRO E 31 -6.08 22.67 -2.29
N LEU E 32 -7.02 21.67 -2.39
CA LEU E 32 -7.35 20.94 -3.61
C LEU E 32 -8.48 21.53 -4.40
N GLY E 33 -8.53 21.02 -5.58
CA GLY E 33 -9.48 21.38 -6.54
C GLY E 33 -9.86 20.12 -7.25
N SER E 34 -10.87 20.27 -8.06
CA SER E 34 -11.44 19.23 -8.85
C SER E 34 -10.51 18.58 -9.80
N ASP E 35 -9.20 18.76 -9.69
CA ASP E 35 -8.37 18.08 -10.67
C ASP E 35 -8.44 16.66 -10.35
N THR E 36 -8.94 15.97 -11.37
CA THR E 36 -9.15 14.54 -11.44
C THR E 36 -7.87 13.76 -11.39
N LYS E 37 -6.84 14.36 -11.99
CA LYS E 37 -5.53 13.79 -12.07
C LYS E 37 -4.84 13.65 -10.75
N VAL E 38 -5.39 14.29 -9.75
CA VAL E 38 -4.81 14.23 -8.44
C VAL E 38 -5.76 13.56 -7.54
N LEU E 39 -7.02 13.67 -7.86
CA LEU E 39 -8.01 13.05 -7.03
C LEU E 39 -7.91 11.57 -7.10
N SER E 40 -7.51 11.14 -8.30
CA SER E 40 -7.36 9.74 -8.54
C SER E 40 -6.43 9.19 -7.46
N THR E 41 -5.21 9.72 -7.43
CA THR E 41 -4.26 9.30 -6.45
C THR E 41 -4.79 9.34 -5.03
N ILE E 42 -5.48 10.39 -4.69
CA ILE E 42 -6.01 10.47 -3.35
C ILE E 42 -6.92 9.26 -3.08
N PHE E 43 -7.70 8.85 -4.09
CA PHE E 43 -8.61 7.70 -3.98
C PHE E 43 -7.86 6.36 -3.74
N GLU E 44 -6.75 6.22 -4.43
CA GLU E 44 -5.90 5.06 -4.35
C GLU E 44 -5.23 4.99 -2.98
N LEU E 45 -4.90 6.14 -2.44
CA LEU E 45 -4.25 6.24 -1.14
C LEU E 45 -5.13 5.81 0.05
N PHE E 46 -6.42 5.80 -0.18
CA PHE E 46 -7.42 5.43 0.79
C PHE E 46 -7.59 3.88 0.88
N SER E 47 -7.34 3.27 -0.28
CA SER E 47 -7.42 1.86 -0.53
C SER E 47 -6.16 1.12 -0.11
N ARG E 48 -4.98 1.74 -0.44
CA ARG E 48 -3.63 1.17 -0.14
C ARG E 48 -3.37 0.71 1.30
N PRO E 49 -4.09 1.26 2.22
CA PRO E 49 -3.91 0.85 3.58
C PRO E 49 -4.74 -0.43 3.83
N ILE E 50 -5.96 -0.50 3.27
CA ILE E 50 -6.88 -1.63 3.40
C ILE E 50 -6.59 -2.88 2.58
N ILE E 51 -5.98 -2.70 1.42
CA ILE E 51 -5.68 -3.85 0.60
C ILE E 51 -4.63 -4.59 1.32
N ASN E 52 -3.50 -3.95 1.47
CA ASN E 52 -2.32 -4.45 2.16
C ASN E 52 -2.71 -5.17 3.46
N LYS E 53 -3.76 -4.66 4.12
CA LYS E 53 -4.22 -5.25 5.37
C LYS E 53 -4.61 -6.68 5.17
N ILE E 54 -5.71 -6.83 4.46
CA ILE E 54 -6.25 -8.12 4.15
C ILE E 54 -5.19 -9.01 3.59
N ALA E 55 -4.57 -8.53 2.51
CA ALA E 55 -3.51 -9.23 1.82
C ALA E 55 -2.59 -9.96 2.76
N GLU E 56 -2.42 -9.33 3.95
CA GLU E 56 -1.59 -9.80 5.07
C GLU E 56 -2.18 -11.01 5.76
N LYS E 57 -3.43 -10.85 6.19
CA LYS E 57 -4.07 -11.92 6.83
C LYS E 57 -4.56 -12.93 5.82
N HIS E 58 -3.88 -13.02 4.70
CA HIS E 58 -4.32 -13.97 3.74
C HIS E 58 -3.13 -14.66 3.15
N GLY E 59 -1.97 -14.09 3.43
CA GLY E 59 -0.69 -14.61 2.97
C GLY E 59 -0.21 -14.27 1.57
N TYR E 60 -0.71 -13.18 0.97
CA TYR E 60 -0.26 -12.79 -0.39
C TYR E 60 0.66 -11.57 -0.40
N ILE E 61 1.47 -11.44 -1.40
CA ILE E 61 2.34 -10.28 -1.48
C ILE E 61 1.63 -9.22 -2.38
N VAL E 62 1.93 -7.94 -2.20
CA VAL E 62 1.32 -6.85 -2.95
C VAL E 62 2.39 -6.14 -3.73
N GLU E 63 2.22 -5.86 -5.02
CA GLU E 63 3.33 -5.17 -5.70
C GLU E 63 2.96 -4.03 -6.58
N GLU E 64 3.26 -2.86 -6.10
CA GLU E 64 2.96 -1.69 -6.85
C GLU E 64 3.89 -1.62 -8.02
N PRO E 65 3.48 -0.96 -9.10
CA PRO E 65 4.34 -0.88 -10.26
C PRO E 65 5.49 0.08 -10.05
N LYS E 66 6.65 -0.30 -10.58
CA LYS E 66 7.87 0.50 -10.48
C LYS E 66 7.78 1.75 -11.34
N GLN E 67 7.27 1.56 -12.61
CA GLN E 67 7.09 2.60 -13.66
C GLN E 67 5.72 3.22 -13.67
N GLN E 68 5.72 4.41 -14.20
CA GLN E 68 4.58 5.27 -14.34
C GLN E 68 3.53 4.89 -15.38
N ASN E 69 3.85 4.10 -16.39
CA ASN E 69 2.79 3.81 -17.33
C ASN E 69 2.45 2.33 -17.45
N HIS E 70 2.37 1.57 -16.35
CA HIS E 70 2.06 0.14 -16.37
C HIS E 70 0.86 -0.19 -15.48
N TYR E 71 0.05 -1.23 -15.85
CA TYR E 71 -1.17 -1.69 -15.12
C TYR E 71 -0.81 -2.93 -14.41
N PRO E 72 -1.41 -3.20 -13.29
CA PRO E 72 -2.45 -2.44 -12.61
C PRO E 72 -2.00 -1.80 -11.29
N ASP E 73 -2.88 -1.05 -10.63
CA ASP E 73 -2.50 -0.42 -9.35
C ASP E 73 -1.87 -1.33 -8.34
N PHE E 74 -2.53 -2.47 -8.10
CA PHE E 74 -2.05 -3.47 -7.16
C PHE E 74 -1.93 -4.93 -7.73
N THR E 75 -0.93 -5.68 -7.26
CA THR E 75 -0.72 -7.05 -7.71
C THR E 75 -0.56 -7.98 -6.53
N LEU E 76 -1.67 -8.66 -6.11
CA LEU E 76 -1.58 -9.58 -4.98
C LEU E 76 -1.16 -10.94 -5.45
N TYR E 77 -0.52 -11.72 -4.56
CA TYR E 77 -0.06 -13.05 -4.89
C TYR E 77 0.82 -13.72 -3.83
N LYS E 78 0.90 -15.07 -3.92
CA LYS E 78 1.70 -15.91 -3.03
C LYS E 78 2.79 -16.54 -3.90
N PRO E 79 4.08 -16.45 -3.47
CA PRO E 79 5.26 -16.99 -4.20
C PRO E 79 5.11 -18.39 -4.70
N SER E 80 4.60 -19.27 -3.80
CA SER E 80 4.34 -20.70 -4.07
C SER E 80 3.55 -20.85 -5.34
N GLU E 81 2.42 -20.20 -5.31
CA GLU E 81 1.54 -20.20 -6.42
C GLU E 81 1.58 -18.80 -7.02
N PRO E 82 2.63 -18.61 -7.77
CA PRO E 82 2.95 -17.41 -8.45
C PRO E 82 2.38 -17.41 -9.87
N ASN E 83 1.14 -17.78 -9.95
CA ASN E 83 0.42 -17.83 -11.21
C ASN E 83 -0.99 -17.58 -10.88
N LYS E 84 -1.21 -17.46 -9.63
CA LYS E 84 -2.51 -17.19 -9.18
C LYS E 84 -2.38 -15.77 -8.78
N LYS E 85 -2.23 -14.89 -9.75
CA LYS E 85 -2.09 -13.50 -9.41
C LYS E 85 -3.41 -12.81 -9.60
N ILE E 86 -3.77 -12.03 -8.62
CA ILE E 86 -4.98 -11.29 -8.70
C ILE E 86 -4.54 -9.89 -9.13
N ALA E 87 -5.46 -9.02 -9.57
CA ALA E 87 -5.14 -7.66 -10.00
C ALA E 87 -6.25 -6.71 -9.62
N ILE E 88 -5.92 -5.74 -8.80
CA ILE E 88 -6.88 -4.72 -8.35
C ILE E 88 -6.46 -3.36 -8.97
N ASP E 89 -7.43 -2.61 -9.48
CA ASP E 89 -7.21 -1.32 -10.12
C ASP E 89 -8.31 -0.36 -9.73
N ILE E 90 -7.90 0.78 -9.13
CA ILE E 90 -8.77 1.81 -8.64
C ILE E 90 -9.33 2.75 -9.65
N LYS E 91 -10.64 2.87 -9.65
CA LYS E 91 -11.24 3.78 -10.59
C LYS E 91 -12.24 4.76 -9.97
N THR E 92 -12.02 6.04 -10.20
CA THR E 92 -12.93 7.02 -9.64
C THR E 92 -13.81 7.68 -10.70
N THR E 93 -14.83 8.37 -10.20
CA THR E 93 -15.78 9.08 -11.03
C THR E 93 -16.63 9.99 -10.17
N TYR E 94 -17.09 11.10 -10.76
CA TYR E 94 -17.89 12.08 -10.02
C TYR E 94 -19.35 12.27 -10.54
N THR E 95 -20.19 12.85 -9.65
CA THR E 95 -21.60 13.17 -9.93
C THR E 95 -21.79 14.60 -9.56
N ASN E 96 -22.78 15.16 -10.17
CA ASN E 96 -23.11 16.52 -9.93
C ASN E 96 -24.26 16.60 -8.92
N LYS E 97 -25.35 15.97 -9.25
CA LYS E 97 -26.50 15.97 -8.40
C LYS E 97 -26.87 14.51 -8.18
N GLU E 98 -27.33 14.21 -6.95
CA GLU E 98 -27.77 12.91 -6.38
C GLU E 98 -28.59 11.91 -7.28
N ASN E 99 -28.11 10.65 -7.32
CA ASN E 99 -28.70 9.52 -8.07
C ASN E 99 -28.66 9.58 -9.59
N GLU E 100 -27.51 9.97 -10.14
CA GLU E 100 -27.36 10.08 -11.59
C GLU E 100 -26.71 8.81 -12.12
N LYS E 101 -26.71 8.62 -13.43
CA LYS E 101 -26.06 7.43 -13.96
C LYS E 101 -24.55 7.70 -14.04
N ILE E 102 -23.71 6.75 -13.74
CA ILE E 102 -22.30 7.06 -13.86
C ILE E 102 -21.66 6.16 -14.88
N LYS E 103 -20.35 6.33 -15.04
CA LYS E 103 -19.56 5.53 -15.97
C LYS E 103 -18.09 5.70 -15.71
N PHE E 104 -17.34 4.63 -15.89
CA PHE E 104 -15.93 4.76 -15.66
C PHE E 104 -15.23 4.31 -16.84
N THR E 105 -13.95 4.53 -16.83
CA THR E 105 -13.15 4.11 -17.95
C THR E 105 -12.49 2.87 -17.46
N LEU E 106 -12.63 1.76 -18.18
CA LEU E 106 -11.98 0.57 -17.69
C LEU E 106 -10.62 0.23 -18.22
N GLY E 107 -9.88 1.14 -18.83
CA GLY E 107 -8.54 0.74 -19.29
C GLY E 107 -8.37 0.54 -20.79
N GLY E 108 -7.14 0.23 -21.20
CA GLY E 108 -6.76 0.01 -22.60
C GLY E 108 -7.30 -1.24 -23.28
N TYR E 109 -7.65 -1.07 -24.55
CA TYR E 109 -8.18 -2.15 -25.33
C TYR E 109 -7.24 -2.66 -26.42
N THR E 110 -6.05 -2.11 -26.47
CA THR E 110 -5.17 -2.57 -27.47
C THR E 110 -3.82 -2.87 -26.91
N SER E 111 -3.78 -2.95 -25.57
CA SER E 111 -2.55 -3.25 -24.88
C SER E 111 -2.39 -4.73 -24.50
N PHE E 112 -2.10 -5.02 -23.23
CA PHE E 112 -1.92 -6.40 -22.79
C PHE E 112 -3.09 -7.33 -23.04
N ILE E 113 -4.21 -6.76 -23.45
CA ILE E 113 -5.41 -7.54 -23.73
C ILE E 113 -5.18 -8.34 -24.98
N ARG E 114 -4.54 -7.66 -25.92
CA ARG E 114 -4.20 -8.21 -27.22
C ARG E 114 -2.71 -8.60 -27.36
N ASN E 115 -1.84 -7.91 -26.52
CA ASN E 115 -0.38 -8.09 -26.49
C ASN E 115 0.20 -8.90 -25.34
N ASN E 116 -0.55 -9.04 -24.29
CA ASN E 116 -0.09 -9.82 -23.17
C ASN E 116 1.03 -9.26 -22.36
N THR E 117 1.99 -8.56 -22.96
CA THR E 117 3.10 -8.03 -22.18
C THR E 117 3.22 -6.53 -22.15
N LYS E 118 2.66 -5.87 -23.16
CA LYS E 118 2.66 -4.42 -23.33
C LYS E 118 2.07 -3.60 -22.17
N ASN E 119 2.90 -2.88 -21.40
CA ASN E 119 2.37 -2.02 -20.31
C ASN E 119 1.76 -2.71 -19.10
N ILE E 120 2.11 -3.94 -18.78
CA ILE E 120 1.50 -4.58 -17.60
C ILE E 120 2.63 -5.07 -16.70
N VAL E 121 2.55 -4.85 -15.40
CA VAL E 121 3.60 -5.29 -14.52
C VAL E 121 4.04 -6.70 -14.75
N TYR E 122 3.08 -7.54 -15.12
CA TYR E 122 3.33 -8.96 -15.40
C TYR E 122 2.53 -9.44 -16.61
N PRO E 123 3.15 -10.35 -17.36
CA PRO E 123 2.53 -10.91 -18.53
C PRO E 123 1.12 -11.31 -18.21
N PHE E 124 0.25 -10.72 -19.00
CA PHE E 124 -1.18 -10.88 -18.91
C PHE E 124 -1.64 -12.19 -18.40
N ASP E 125 -0.95 -13.27 -18.73
CA ASP E 125 -1.40 -14.57 -18.24
C ASP E 125 -1.29 -14.90 -16.75
N GLN E 126 -0.33 -14.37 -16.01
CA GLN E 126 -0.26 -14.75 -14.63
C GLN E 126 -1.40 -14.33 -13.73
N TYR E 127 -2.34 -13.60 -14.32
CA TYR E 127 -3.48 -13.16 -13.55
C TYR E 127 -4.71 -14.07 -13.72
N ILE E 128 -5.39 -14.40 -12.60
CA ILE E 128 -6.60 -15.26 -12.60
C ILE E 128 -7.84 -14.44 -12.36
N ALA E 129 -7.56 -13.29 -11.81
CA ALA E 129 -8.60 -12.38 -11.51
C ALA E 129 -8.14 -10.92 -11.74
N HIS E 130 -9.12 -10.08 -12.07
CA HIS E 130 -8.92 -8.66 -12.30
C HIS E 130 -10.05 -7.91 -11.63
N TRP E 131 -9.80 -7.28 -10.50
CA TRP E 131 -10.87 -6.58 -9.81
C TRP E 131 -10.83 -5.12 -10.02
N ILE E 132 -11.95 -4.48 -9.78
CA ILE E 132 -12.08 -3.06 -9.92
C ILE E 132 -12.65 -2.48 -8.69
N ILE E 133 -12.03 -1.42 -8.26
CA ILE E 133 -12.50 -0.75 -7.10
C ILE E 133 -13.00 0.61 -7.58
N GLY E 134 -14.31 0.77 -7.58
CA GLY E 134 -14.92 2.00 -8.03
C GLY E 134 -15.40 2.92 -6.94
N TYR E 135 -15.10 4.20 -7.16
CA TYR E 135 -15.46 5.28 -6.27
C TYR E 135 -16.23 6.36 -7.03
N VAL E 136 -17.21 6.94 -6.33
CA VAL E 136 -18.08 7.99 -6.81
C VAL E 136 -18.15 9.11 -5.79
N TYR E 137 -17.99 10.34 -6.19
CA TYR E 137 -18.07 11.37 -5.20
C TYR E 137 -18.87 12.49 -5.74
N THR E 138 -19.29 13.36 -4.87
CA THR E 138 -20.06 14.47 -5.32
C THR E 138 -19.05 15.52 -5.36
N ARG E 139 -18.75 16.04 -6.53
CA ARG E 139 -17.75 17.06 -6.56
C ARG E 139 -18.35 18.29 -6.17
N VAL E 140 -17.66 19.02 -5.31
CA VAL E 140 -18.11 20.30 -4.83
C VAL E 140 -17.34 21.29 -5.66
N ALA E 141 -18.00 21.91 -6.63
CA ALA E 141 -17.26 22.83 -7.44
C ALA E 141 -17.81 24.23 -7.68
N THR E 142 -17.99 24.54 -8.97
CA THR E 142 -18.46 25.84 -9.41
C THR E 142 -17.21 26.67 -9.24
N ARG E 143 -16.16 25.87 -9.17
CA ARG E 143 -14.76 26.13 -8.98
C ARG E 143 -14.07 27.32 -9.61
N LYS E 144 -12.89 27.48 -9.02
CA LYS E 144 -11.85 28.44 -9.25
C LYS E 144 -10.95 28.42 -8.04
N SER E 145 -10.54 27.19 -7.70
CA SER E 145 -9.66 26.93 -6.57
C SER E 145 -10.20 27.52 -5.27
N SER E 146 -9.29 27.66 -4.31
CA SER E 146 -9.64 28.21 -3.01
C SER E 146 -8.75 29.38 -2.63
N LEU E 147 -8.08 29.95 -3.67
CA LEU E 147 -7.16 31.09 -3.60
C LEU E 147 -6.64 31.45 -2.22
N LYS E 148 -5.87 30.56 -1.61
CA LYS E 148 -5.33 30.83 -0.29
C LYS E 148 -4.41 29.73 0.20
N THR E 149 -3.47 30.14 1.06
CA THR E 149 -2.52 29.24 1.64
C THR E 149 -2.90 29.01 3.13
N TYR E 150 -2.86 27.77 3.65
CA TYR E 150 -3.24 27.55 5.05
C TYR E 150 -2.10 27.18 5.92
N ASN E 151 -2.45 26.87 7.14
CA ASN E 151 -1.48 26.48 8.12
C ASN E 151 -1.98 25.28 8.94
N ILE E 152 -1.09 24.64 9.66
CA ILE E 152 -1.44 23.48 10.45
C ILE E 152 -2.57 23.68 11.46
N ASN E 153 -3.08 24.91 11.56
CA ASN E 153 -4.15 25.18 12.53
C ASN E 153 -5.56 25.34 11.95
N GLU E 154 -5.61 25.80 10.74
CA GLU E 154 -6.84 26.03 10.03
C GLU E 154 -7.37 24.82 9.28
N LEU E 155 -6.69 23.66 9.48
CA LEU E 155 -7.02 22.38 8.85
C LEU E 155 -8.47 22.19 8.81
N ASN E 156 -9.07 22.51 9.92
CA ASN E 156 -10.49 22.36 10.03
C ASN E 156 -11.26 23.31 9.13
N GLU E 157 -10.58 24.36 8.70
CA GLU E 157 -11.19 25.34 7.85
C GLU E 157 -11.30 24.84 6.46
N ILE E 158 -10.19 24.26 6.01
CA ILE E 158 -10.05 23.70 4.67
C ILE E 158 -11.16 22.82 4.11
N PRO E 159 -11.80 23.40 3.11
CA PRO E 159 -12.89 22.84 2.35
C PRO E 159 -12.42 21.69 1.43
N LYS E 160 -13.20 20.65 1.27
CA LYS E 160 -12.66 19.64 0.38
C LYS E 160 -13.30 19.76 -0.97
N PRO E 161 -12.69 19.11 -1.97
CA PRO E 161 -13.23 19.16 -3.32
C PRO E 161 -14.27 18.05 -3.57
N TYR E 162 -14.53 17.19 -2.55
CA TYR E 162 -15.52 16.09 -2.70
C TYR E 162 -16.50 15.95 -1.52
N LYS E 163 -17.57 15.15 -1.77
CA LYS E 163 -18.67 14.87 -0.82
C LYS E 163 -19.38 13.57 -1.13
N GLY E 164 -19.81 12.86 -0.09
CA GLY E 164 -20.56 11.60 -0.22
C GLY E 164 -20.02 10.48 -1.12
N VAL E 165 -18.78 10.10 -0.85
CA VAL E 165 -18.07 9.08 -1.57
C VAL E 165 -18.82 7.77 -1.52
N LYS E 166 -18.63 6.98 -2.55
CA LYS E 166 -19.27 5.71 -2.64
C LYS E 166 -18.35 4.74 -3.31
N VAL E 167 -18.11 3.65 -2.59
CA VAL E 167 -17.24 2.59 -3.04
C VAL E 167 -17.97 1.27 -3.26
N PHE E 168 -17.36 0.41 -4.10
CA PHE E 168 -17.88 -0.91 -4.47
C PHE E 168 -16.74 -1.70 -5.11
N LEU E 169 -16.78 -3.05 -5.05
CA LEU E 169 -15.75 -3.93 -5.63
C LEU E 169 -16.44 -4.81 -6.67
N GLN E 170 -15.70 -5.24 -7.71
CA GLN E 170 -16.32 -6.07 -8.74
C GLN E 170 -15.37 -6.55 -9.82
N ASP E 171 -15.66 -7.67 -10.44
CA ASP E 171 -14.75 -8.07 -11.47
C ASP E 171 -14.95 -7.14 -12.65
N LYS E 172 -13.87 -6.74 -13.29
CA LYS E 172 -13.86 -5.85 -14.46
C LYS E 172 -14.90 -6.30 -15.54
N TRP E 173 -14.72 -7.50 -16.13
CA TRP E 173 -15.64 -8.05 -17.16
C TRP E 173 -17.10 -7.94 -16.81
N VAL E 174 -17.42 -7.93 -15.51
CA VAL E 174 -18.80 -7.84 -15.06
C VAL E 174 -19.43 -6.48 -15.30
N ILE E 175 -18.64 -5.45 -15.12
CA ILE E 175 -19.18 -4.16 -15.32
C ILE E 175 -18.71 -3.42 -16.56
N ALA E 176 -18.11 -4.16 -17.50
CA ALA E 176 -17.64 -3.56 -18.76
C ALA E 176 -18.80 -3.44 -19.76
N GLY E 177 -18.70 -2.49 -20.67
CA GLY E 177 -19.74 -2.29 -21.67
C GLY E 177 -19.26 -2.50 -23.07
N ASP E 178 -19.95 -1.89 -24.01
CA ASP E 178 -19.59 -2.03 -25.42
C ASP E 178 -19.29 -0.71 -26.11
N LEU E 179 -18.71 0.24 -25.40
CA LEU E 179 -18.37 1.54 -25.97
C LEU E 179 -17.13 2.13 -25.40
N ALA E 180 -16.31 2.73 -26.24
CA ALA E 180 -15.09 3.31 -25.73
C ALA E 180 -15.35 4.34 -24.64
N GLY E 181 -14.54 4.29 -23.59
CA GLY E 181 -14.67 5.22 -22.52
C GLY E 181 -13.96 6.52 -22.91
N SER E 182 -12.90 6.39 -23.68
CA SER E 182 -12.08 7.50 -24.17
C SER E 182 -11.79 7.21 -25.62
N GLY E 183 -11.70 8.23 -26.44
CA GLY E 183 -11.45 8.01 -27.86
C GLY E 183 -10.00 7.88 -28.20
N ASN E 184 -9.35 9.02 -28.35
CA ASN E 184 -7.95 9.02 -28.69
C ASN E 184 -7.13 8.18 -27.76
N THR E 185 -7.54 8.07 -26.55
CA THR E 185 -6.76 7.28 -25.69
C THR E 185 -7.20 5.88 -25.64
N THR E 186 -7.93 5.46 -26.66
CA THR E 186 -8.40 4.08 -26.76
C THR E 186 -8.85 3.42 -25.44
N ASN E 187 -9.66 4.05 -24.64
CA ASN E 187 -10.01 3.34 -23.42
C ASN E 187 -11.23 2.49 -23.51
N ILE E 188 -11.47 1.68 -22.52
CA ILE E 188 -12.69 0.92 -22.60
C ILE E 188 -13.73 1.69 -21.76
N GLY E 189 -14.98 1.46 -21.97
CA GLY E 189 -15.91 2.17 -21.18
C GLY E 189 -16.68 1.21 -20.29
N SER E 190 -17.29 1.76 -19.24
CA SER E 190 -18.09 1.03 -18.29
C SER E 190 -19.56 1.14 -18.70
N ILE E 191 -20.40 0.45 -17.96
CA ILE E 191 -21.83 0.41 -18.17
C ILE E 191 -22.41 1.67 -17.69
N HIS E 192 -23.38 2.23 -18.39
CA HIS E 192 -23.95 3.46 -17.88
C HIS E 192 -25.04 3.04 -16.90
N ALA E 193 -24.77 3.11 -15.63
CA ALA E 193 -25.82 2.68 -14.78
C ALA E 193 -25.86 3.33 -13.46
N HIS E 194 -26.84 2.88 -12.66
CA HIS E 194 -27.00 3.40 -11.31
C HIS E 194 -25.94 2.69 -10.47
N TYR E 195 -25.29 3.43 -9.55
CA TYR E 195 -24.26 2.90 -8.68
C TYR E 195 -24.58 1.48 -8.23
N LYS E 196 -25.76 1.30 -7.63
CA LYS E 196 -26.16 -0.03 -7.21
C LYS E 196 -26.10 -1.10 -8.31
N ASP E 197 -26.34 -0.75 -9.58
CA ASP E 197 -26.28 -1.75 -10.66
C ASP E 197 -24.90 -2.38 -10.74
N PHE E 198 -23.90 -1.56 -10.29
CA PHE E 198 -22.48 -1.92 -10.25
C PHE E 198 -22.27 -2.94 -9.13
N VAL E 199 -22.72 -2.56 -7.91
CA VAL E 199 -22.62 -3.43 -6.73
C VAL E 199 -23.05 -4.80 -7.08
N GLU E 200 -24.29 -4.83 -7.59
CA GLU E 200 -24.92 -6.03 -8.00
C GLU E 200 -24.32 -6.59 -9.25
N GLY E 201 -23.59 -5.80 -10.00
CA GLY E 201 -23.01 -6.38 -11.21
C GLY E 201 -24.04 -6.73 -12.28
N LYS E 202 -25.04 -5.87 -12.41
CA LYS E 202 -26.04 -6.10 -13.39
C LYS E 202 -25.42 -5.66 -14.74
N GLY E 203 -24.51 -6.47 -15.27
CA GLY E 203 -23.86 -6.10 -16.50
C GLY E 203 -24.58 -6.36 -17.77
N ILE E 204 -23.73 -6.56 -18.79
CA ILE E 204 -24.13 -6.82 -20.14
C ILE E 204 -23.42 -8.00 -20.84
N PHE E 205 -22.14 -8.27 -20.54
CA PHE E 205 -21.43 -9.42 -21.16
C PHE E 205 -21.80 -10.71 -20.35
N ASP E 206 -22.13 -11.80 -21.02
CA ASP E 206 -22.48 -12.99 -20.25
C ASP E 206 -21.39 -13.73 -19.46
N SER E 207 -20.11 -13.44 -19.75
CA SER E 207 -18.99 -14.09 -19.08
C SER E 207 -17.71 -13.36 -19.43
N GLU E 208 -16.57 -13.82 -18.92
CA GLU E 208 -15.30 -13.16 -19.22
C GLU E 208 -14.78 -13.37 -20.69
N ASP E 209 -15.29 -14.39 -21.41
CA ASP E 209 -14.80 -14.59 -22.78
C ASP E 209 -15.54 -13.72 -23.74
N GLU E 210 -16.80 -13.56 -23.41
CA GLU E 210 -17.64 -12.75 -24.20
C GLU E 210 -17.08 -11.35 -24.13
N PHE E 211 -16.55 -10.97 -22.94
CA PHE E 211 -15.94 -9.66 -22.68
C PHE E 211 -14.55 -9.52 -23.35
N LEU E 212 -13.75 -10.58 -23.35
CA LEU E 212 -12.48 -10.44 -24.01
C LEU E 212 -12.70 -10.35 -25.50
N ASP E 213 -13.45 -11.35 -26.10
CA ASP E 213 -13.71 -11.35 -27.58
C ASP E 213 -14.18 -10.03 -28.16
N TYR E 214 -15.26 -9.54 -27.56
CA TYR E 214 -15.85 -8.31 -27.96
C TYR E 214 -14.75 -7.27 -28.03
N TRP E 215 -14.10 -7.03 -26.91
CA TRP E 215 -13.04 -6.05 -26.90
C TRP E 215 -11.82 -6.40 -27.73
N ARG E 216 -11.63 -7.68 -27.96
CA ARG E 216 -10.48 -8.02 -28.74
C ARG E 216 -10.58 -7.63 -30.17
N ASN E 217 -11.80 -7.55 -30.65
CA ASN E 217 -12.03 -7.21 -32.01
C ASN E 217 -12.82 -5.95 -32.21
N TYR E 218 -12.72 -5.02 -31.28
CA TYR E 218 -13.43 -3.77 -31.41
C TYR E 218 -12.61 -2.86 -32.24
N GLU E 219 -12.82 -2.87 -33.55
CA GLU E 219 -12.07 -2.03 -34.46
C GLU E 219 -11.96 -0.62 -33.90
N ARG E 220 -10.87 0.10 -34.20
CA ARG E 220 -10.68 1.47 -33.66
C ARG E 220 -11.26 2.68 -34.41
N THR E 221 -11.50 2.49 -35.70
CA THR E 221 -12.07 3.53 -36.52
C THR E 221 -13.52 3.25 -36.86
N SER E 222 -14.36 4.27 -36.69
CA SER E 222 -15.77 4.15 -36.97
C SER E 222 -16.03 3.63 -38.37
N GLN E 223 -15.11 3.93 -39.28
CA GLN E 223 -15.23 3.49 -40.65
C GLN E 223 -15.24 1.98 -40.74
N LEU E 224 -14.28 1.36 -40.05
CA LEU E 224 -14.13 -0.08 -40.01
C LEU E 224 -15.12 -0.72 -39.05
N ARG E 225 -15.59 0.09 -38.09
CA ARG E 225 -16.53 -0.40 -37.08
C ARG E 225 -17.95 -0.55 -37.61
N ASN E 226 -18.19 -0.03 -38.81
CA ASN E 226 -19.51 -0.11 -39.41
C ASN E 226 -19.81 -1.51 -39.93
N ASP E 227 -18.95 -1.97 -40.83
CA ASP E 227 -19.06 -3.28 -41.47
C ASP E 227 -18.65 -4.46 -40.58
N LYS E 228 -18.71 -4.24 -39.27
CA LYS E 228 -18.36 -5.23 -38.27
C LYS E 228 -19.27 -5.11 -37.07
N TYR E 229 -19.08 -4.10 -36.21
CA TYR E 229 -19.96 -3.98 -35.05
C TYR E 229 -19.68 -2.85 -34.12
N ASN E 230 -20.76 -2.32 -33.49
CA ASN E 230 -20.67 -1.23 -32.53
C ASN E 230 -21.17 -1.55 -31.15
N ASN E 231 -21.83 -2.64 -31.02
CA ASN E 231 -22.30 -2.89 -29.73
C ASN E 231 -22.55 -4.35 -29.54
N ILE E 232 -23.11 -4.70 -28.37
CA ILE E 232 -23.44 -6.03 -28.00
C ILE E 232 -24.33 -6.67 -29.06
N SER E 233 -25.47 -6.00 -29.41
CA SER E 233 -26.34 -6.55 -30.44
C SER E 233 -25.52 -6.75 -31.66
N GLU E 234 -24.82 -5.73 -32.08
CA GLU E 234 -24.01 -5.92 -33.27
C GLU E 234 -23.02 -7.13 -33.18
N TYR E 235 -22.26 -7.19 -32.12
CA TYR E 235 -21.34 -8.27 -31.96
C TYR E 235 -22.01 -9.68 -31.95
N ARG E 236 -23.00 -9.87 -31.07
CA ARG E 236 -23.73 -11.14 -30.92
C ARG E 236 -24.15 -11.74 -32.20
N ASN E 237 -24.72 -10.89 -33.03
CA ASN E 237 -25.18 -11.29 -34.32
C ASN E 237 -24.00 -11.66 -35.16
N TRP E 238 -22.88 -11.19 -34.75
CA TRP E 238 -21.71 -11.49 -35.50
C TRP E 238 -21.23 -12.89 -35.20
N ILE E 239 -21.91 -13.60 -34.25
CA ILE E 239 -21.51 -14.99 -33.92
C ILE E 239 -21.86 -16.07 -34.93
N TYR E 240 -22.69 -15.65 -35.93
CA TYR E 240 -23.20 -16.45 -37.06
C TYR E 240 -22.97 -15.73 -38.42
N SER F 1 7.26 -8.40 18.19
CA SER F 1 7.90 -9.59 17.67
C SER F 1 6.93 -10.72 17.72
N LEU F 2 7.35 -11.86 17.20
CA LEU F 2 6.47 -13.00 17.25
C LEU F 2 6.21 -13.22 18.75
N ARG F 3 7.31 -13.13 19.45
CA ARG F 3 7.35 -13.31 20.86
C ARG F 3 6.62 -12.27 21.62
N SER F 4 6.51 -11.06 21.06
CA SER F 4 5.80 -9.97 21.76
C SER F 4 4.33 -10.04 21.57
N ASP F 5 3.92 -10.63 20.44
CA ASP F 5 2.51 -10.76 20.19
C ASP F 5 1.96 -11.92 21.02
N LEU F 6 2.84 -12.93 21.20
CA LEU F 6 2.54 -14.13 21.95
C LEU F 6 2.22 -13.82 23.42
N ILE F 7 3.15 -13.16 24.10
CA ILE F 7 2.99 -12.80 25.47
C ILE F 7 1.72 -12.04 25.64
N ASN F 8 1.49 -11.13 24.79
CA ASN F 8 0.28 -10.40 24.93
C ASN F 8 -0.95 -11.30 24.76
N ALA F 9 -0.92 -12.09 23.70
CA ALA F 9 -2.00 -13.01 23.43
C ALA F 9 -2.14 -13.94 24.64
N LEU F 10 -1.01 -14.45 25.12
CA LEU F 10 -1.04 -15.30 26.26
C LEU F 10 -1.63 -14.56 27.42
N TYR F 11 -0.91 -13.53 27.91
CA TYR F 11 -1.32 -12.71 29.06
C TYR F 11 -2.78 -12.18 29.09
N ASP F 12 -3.50 -12.58 30.15
CA ASP F 12 -4.89 -12.24 30.42
C ASP F 12 -5.55 -11.10 29.63
N GLU F 13 -6.84 -11.31 29.39
CA GLU F 13 -7.74 -10.42 28.68
C GLU F 13 -9.14 -10.95 28.92
N ASN F 14 -9.40 -12.09 28.29
CA ASN F 14 -10.67 -12.77 28.38
C ASN F 14 -10.46 -14.30 28.36
N GLN F 15 -9.25 -14.71 27.98
CA GLN F 15 -8.93 -16.13 27.93
C GLN F 15 -9.19 -16.79 29.27
N LYS F 16 -10.23 -17.62 29.28
CA LYS F 16 -10.68 -18.34 30.48
C LYS F 16 -9.74 -19.40 31.07
N TYR F 17 -9.38 -20.42 30.29
CA TYR F 17 -8.51 -21.49 30.79
C TYR F 17 -9.30 -22.34 31.77
N ASP F 18 -10.53 -22.70 31.38
CA ASP F 18 -11.41 -23.50 32.21
C ASP F 18 -12.27 -24.60 31.53
N VAL F 19 -11.75 -25.78 31.65
CA VAL F 19 -12.30 -26.95 31.13
C VAL F 19 -13.13 -27.67 32.19
N CYS F 20 -14.24 -28.38 31.79
CA CYS F 20 -15.09 -29.09 32.79
C CYS F 20 -14.96 -30.58 32.84
N GLY F 21 -14.72 -31.21 31.70
CA GLY F 21 -14.59 -32.67 31.67
C GLY F 21 -14.53 -33.31 30.28
N ILE F 22 -14.70 -34.62 30.28
CA ILE F 22 -14.69 -35.42 29.10
C ILE F 22 -16.10 -35.77 28.67
N ILE F 23 -16.34 -35.85 27.35
CA ILE F 23 -17.68 -36.14 26.86
C ILE F 23 -17.79 -37.29 25.88
N SER F 24 -18.65 -38.26 26.20
CA SER F 24 -18.89 -39.45 25.35
C SER F 24 -19.84 -39.14 24.21
N ALA F 25 -19.75 -39.89 23.13
CA ALA F 25 -20.64 -39.63 21.97
C ALA F 25 -22.12 -39.43 22.34
N GLU F 26 -22.48 -40.17 23.32
CA GLU F 26 -23.78 -40.19 23.84
C GLU F 26 -24.09 -38.76 24.26
N GLY F 27 -23.40 -38.28 25.26
CA GLY F 27 -23.62 -36.91 25.72
C GLY F 27 -23.29 -36.75 27.20
N LYS F 28 -22.66 -37.79 27.73
CA LYS F 28 -22.26 -37.86 29.12
C LYS F 28 -21.02 -37.04 29.43
N ILE F 29 -21.13 -36.21 30.45
CA ILE F 29 -20.00 -35.42 30.80
C ILE F 29 -19.36 -36.02 32.03
N TYR F 30 -18.32 -36.77 31.82
CA TYR F 30 -17.58 -37.40 32.90
C TYR F 30 -16.63 -36.34 33.48
N PRO F 31 -16.29 -36.35 34.76
CA PRO F 31 -15.41 -35.30 35.21
C PRO F 31 -14.00 -35.70 35.49
N LEU F 32 -13.14 -34.66 35.45
CA LEU F 32 -11.72 -34.76 35.67
C LEU F 32 -11.18 -34.80 37.11
N GLY F 33 -9.96 -35.28 37.17
CA GLY F 33 -9.23 -35.40 38.39
C GLY F 33 -8.08 -34.46 38.28
N SER F 34 -7.09 -34.67 39.12
CA SER F 34 -5.93 -33.80 39.10
C SER F 34 -4.72 -34.49 38.58
N ASP F 35 -4.94 -35.68 38.02
CA ASP F 35 -3.87 -36.44 37.46
C ASP F 35 -3.31 -35.54 36.43
N THR F 36 -2.06 -35.16 36.65
CA THR F 36 -1.33 -34.27 35.75
C THR F 36 -1.11 -34.85 34.36
N LYS F 37 -1.05 -36.19 34.30
CA LYS F 37 -0.84 -36.89 33.07
C LYS F 37 -1.84 -36.41 32.05
N VAL F 38 -3.06 -36.10 32.52
CA VAL F 38 -4.13 -35.60 31.68
C VAL F 38 -4.07 -34.11 31.72
N LEU F 39 -3.99 -33.65 32.96
CA LEU F 39 -3.93 -32.25 33.25
C LEU F 39 -2.99 -31.53 32.33
N SER F 40 -1.77 -32.02 32.24
CA SER F 40 -0.80 -31.39 31.36
C SER F 40 -1.27 -31.28 29.87
N THR F 41 -1.94 -32.32 29.33
CA THR F 41 -2.40 -32.25 27.96
C THR F 41 -3.45 -31.15 27.80
N ILE F 42 -4.40 -31.15 28.72
CA ILE F 42 -5.45 -30.18 28.70
C ILE F 42 -5.02 -28.71 28.50
N PHE F 43 -3.78 -28.39 28.87
CA PHE F 43 -3.23 -27.06 28.78
C PHE F 43 -2.52 -26.81 27.50
N GLU F 44 -2.11 -27.88 26.84
CA GLU F 44 -1.40 -27.77 25.57
C GLU F 44 -2.43 -27.57 24.53
N LEU F 45 -3.59 -28.20 24.80
CA LEU F 45 -4.78 -28.15 23.94
C LEU F 45 -5.37 -26.75 23.99
N PHE F 46 -4.99 -26.00 25.00
CA PHE F 46 -5.48 -24.64 25.18
C PHE F 46 -4.62 -23.63 24.45
N SER F 47 -3.33 -23.88 24.46
CA SER F 47 -2.40 -22.99 23.84
C SER F 47 -2.38 -23.05 22.33
N ARG F 48 -2.85 -24.15 21.79
CA ARG F 48 -2.91 -24.38 20.37
C ARG F 48 -3.53 -23.24 19.55
N PRO F 49 -4.67 -22.79 20.02
CA PRO F 49 -5.43 -21.73 19.40
C PRO F 49 -4.57 -20.53 19.14
N ILE F 50 -4.05 -20.04 20.26
CA ILE F 50 -3.18 -18.89 20.43
C ILE F 50 -1.84 -19.01 19.75
N ILE F 51 -1.19 -20.17 19.93
CA ILE F 51 0.09 -20.34 19.30
C ILE F 51 -0.05 -20.18 17.83
N ASN F 52 -1.06 -20.85 17.33
CA ASN F 52 -1.38 -20.84 15.92
C ASN F 52 -1.77 -19.46 15.36
N LYS F 53 -2.60 -18.74 16.11
CA LYS F 53 -3.04 -17.43 15.69
C LYS F 53 -1.87 -16.48 15.48
N ILE F 54 -1.10 -16.22 16.52
CA ILE F 54 0.00 -15.32 16.34
C ILE F 54 0.98 -15.77 15.31
N ALA F 55 1.17 -17.08 15.28
CA ALA F 55 2.09 -17.75 14.37
C ALA F 55 1.72 -17.50 12.90
N GLU F 56 0.41 -17.46 12.68
CA GLU F 56 -0.16 -17.25 11.37
C GLU F 56 0.21 -15.90 10.81
N LYS F 57 0.01 -14.87 11.64
CA LYS F 57 0.27 -13.48 11.31
C LYS F 57 1.70 -13.10 10.89
N HIS F 58 2.68 -13.87 11.32
CA HIS F 58 4.06 -13.59 10.95
C HIS F 58 4.51 -14.49 9.83
N GLY F 59 3.59 -15.30 9.39
CA GLY F 59 3.83 -16.21 8.30
C GLY F 59 4.82 -17.30 8.60
N TYR F 60 4.53 -18.06 9.63
CA TYR F 60 5.33 -19.17 10.08
C TYR F 60 4.47 -20.41 10.01
N ILE F 61 5.10 -21.56 10.07
CA ILE F 61 4.38 -22.84 10.03
C ILE F 61 4.44 -23.43 11.43
N VAL F 62 3.53 -24.32 11.73
CA VAL F 62 3.53 -24.94 13.01
C VAL F 62 3.62 -26.47 12.85
N GLU F 63 4.42 -27.13 13.65
CA GLU F 63 4.51 -28.58 13.52
C GLU F 63 4.58 -29.31 14.83
N GLU F 64 3.65 -30.22 14.96
CA GLU F 64 3.59 -31.02 16.12
C GLU F 64 4.14 -32.36 15.76
N PRO F 65 4.79 -32.96 16.72
CA PRO F 65 5.41 -34.24 16.56
C PRO F 65 4.46 -35.38 16.25
N LYS F 66 4.82 -36.19 15.25
CA LYS F 66 3.96 -37.31 14.94
C LYS F 66 4.01 -38.25 16.19
N GLN F 67 5.25 -38.49 16.72
CA GLN F 67 5.55 -39.34 17.88
C GLN F 67 5.21 -38.77 19.27
N GLN F 68 4.65 -39.65 20.08
CA GLN F 68 4.25 -39.34 21.44
C GLN F 68 5.40 -38.96 22.33
N ASN F 69 6.62 -39.34 21.96
CA ASN F 69 7.70 -38.99 22.82
C ASN F 69 8.76 -38.08 22.26
N HIS F 70 8.46 -37.27 21.27
CA HIS F 70 9.54 -36.41 20.82
C HIS F 70 9.29 -34.99 21.23
N TYR F 71 10.35 -34.17 21.14
CA TYR F 71 10.33 -32.76 21.49
C TYR F 71 10.42 -31.96 20.24
N PRO F 72 9.70 -30.80 20.08
CA PRO F 72 8.81 -30.23 21.06
C PRO F 72 7.33 -30.27 20.73
N ASP F 73 6.60 -29.84 21.72
CA ASP F 73 5.18 -29.75 21.67
C ASP F 73 4.79 -28.94 20.43
N PHE F 74 5.63 -27.90 20.19
CA PHE F 74 5.48 -26.97 19.09
C PHE F 74 6.77 -26.53 18.41
N THR F 75 6.68 -26.47 17.07
CA THR F 75 7.74 -26.07 16.18
C THR F 75 7.16 -25.08 15.18
N LEU F 76 7.67 -23.82 15.23
CA LEU F 76 7.27 -22.71 14.34
C LEU F 76 8.39 -22.42 13.34
N TYR F 77 8.05 -22.02 12.11
CA TYR F 77 9.11 -21.72 11.13
C TYR F 77 8.68 -21.35 9.75
N LYS F 78 9.39 -20.41 9.17
CA LYS F 78 9.10 -20.00 7.84
C LYS F 78 9.82 -20.89 6.88
N PRO F 79 9.08 -21.46 5.94
CA PRO F 79 9.63 -22.35 4.93
C PRO F 79 10.86 -21.75 4.26
N SER F 80 10.86 -20.46 4.01
CA SER F 80 12.04 -19.87 3.39
C SER F 80 13.21 -19.80 4.37
N GLU F 81 13.05 -20.23 5.63
CA GLU F 81 14.17 -20.13 6.56
C GLU F 81 14.66 -21.41 7.28
N PRO F 82 14.29 -22.60 6.77
CA PRO F 82 14.63 -23.96 7.31
C PRO F 82 15.58 -24.13 8.51
N ASN F 83 16.67 -23.45 8.50
CA ASN F 83 17.58 -23.59 9.58
C ASN F 83 17.32 -22.62 10.68
N LYS F 84 16.22 -21.90 10.63
CA LYS F 84 15.90 -20.90 11.68
C LYS F 84 14.54 -21.20 12.26
N LYS F 85 14.45 -22.27 13.04
CA LYS F 85 13.15 -22.60 13.62
C LYS F 85 13.05 -22.11 15.00
N ILE F 86 11.90 -22.34 15.61
CA ILE F 86 11.64 -21.94 16.99
C ILE F 86 10.97 -23.11 17.73
N ALA F 87 11.39 -23.36 18.95
CA ALA F 87 10.76 -24.44 19.63
C ALA F 87 10.00 -23.95 20.81
N ILE F 88 8.76 -24.44 20.98
CA ILE F 88 7.88 -24.09 22.09
C ILE F 88 7.37 -25.36 22.78
N ASP F 89 7.54 -25.39 24.10
CA ASP F 89 7.13 -26.48 24.95
C ASP F 89 6.17 -25.88 25.96
N ILE F 90 5.25 -26.66 26.31
CA ILE F 90 4.30 -26.24 27.25
C ILE F 90 4.67 -27.01 28.51
N LYS F 91 4.67 -26.33 29.67
CA LYS F 91 5.03 -26.94 30.95
C LYS F 91 3.97 -26.61 31.98
N THR F 92 3.91 -27.41 33.05
CA THR F 92 2.97 -27.19 34.14
C THR F 92 3.55 -27.55 35.47
N THR F 93 2.78 -27.19 36.50
CA THR F 93 3.05 -27.39 37.92
C THR F 93 1.86 -26.90 38.74
N TYR F 94 1.83 -27.27 40.00
CA TYR F 94 0.72 -26.89 40.86
C TYR F 94 1.21 -26.36 42.25
N THR F 95 0.25 -25.80 42.99
CA THR F 95 0.49 -25.27 44.32
C THR F 95 -0.72 -25.48 45.16
N ASN F 96 -0.49 -25.34 46.45
CA ASN F 96 -1.48 -25.49 47.46
C ASN F 96 -1.86 -24.15 47.96
N LYS F 97 -0.84 -23.48 48.49
CA LYS F 97 -0.90 -22.15 49.04
C LYS F 97 -0.57 -21.10 47.95
N GLU F 98 -1.12 -19.88 48.17
CA GLU F 98 -1.00 -18.68 47.34
C GLU F 98 0.38 -18.39 46.75
N ASN F 99 1.21 -17.71 47.52
CA ASN F 99 2.54 -17.39 47.06
C ASN F 99 3.52 -18.35 47.64
N GLU F 100 3.58 -19.48 46.97
CA GLU F 100 4.42 -20.59 47.30
C GLU F 100 5.54 -20.56 46.28
N LYS F 101 6.54 -21.42 46.44
CA LYS F 101 7.66 -21.51 45.52
C LYS F 101 7.42 -22.70 44.71
N ILE F 102 7.51 -22.52 43.39
CA ILE F 102 7.28 -23.58 42.43
C ILE F 102 8.57 -24.05 41.69
N LYS F 103 8.43 -25.14 40.92
CA LYS F 103 9.53 -25.71 40.13
C LYS F 103 9.01 -26.57 38.99
N PHE F 104 9.67 -26.50 37.81
CA PHE F 104 9.26 -27.29 36.67
C PHE F 104 10.28 -28.36 36.28
N THR F 105 10.00 -29.08 35.21
CA THR F 105 10.90 -30.11 34.67
C THR F 105 11.12 -29.66 33.23
N LEU F 106 12.31 -29.27 32.92
CA LEU F 106 12.51 -28.81 31.60
C LEU F 106 12.76 -29.77 30.48
N GLY F 107 12.93 -31.08 30.77
CA GLY F 107 13.17 -32.08 29.68
C GLY F 107 14.32 -33.11 29.87
N GLY F 108 14.84 -33.64 28.78
CA GLY F 108 15.91 -34.62 28.92
C GLY F 108 17.36 -34.08 28.70
N TYR F 109 18.26 -34.49 29.58
CA TYR F 109 19.62 -34.08 29.45
C TYR F 109 20.54 -35.11 28.77
N THR F 110 20.01 -36.28 28.57
CA THR F 110 20.79 -37.29 27.95
C THR F 110 20.36 -37.59 26.52
N SER F 111 19.42 -36.74 26.03
CA SER F 111 18.85 -36.81 24.67
C SER F 111 19.54 -35.91 23.64
N PHE F 112 18.77 -35.17 22.86
CA PHE F 112 19.28 -34.25 21.82
C PHE F 112 20.35 -33.23 22.32
N ILE F 113 20.24 -32.88 23.61
CA ILE F 113 21.16 -31.96 24.24
C ILE F 113 22.53 -32.48 23.99
N ARG F 114 22.74 -33.80 24.14
CA ARG F 114 24.07 -34.36 23.90
C ARG F 114 24.33 -35.16 22.61
N ASN F 115 23.32 -35.48 21.76
CA ASN F 115 23.62 -36.25 20.51
C ASN F 115 23.14 -35.64 19.16
N ASN F 116 22.11 -34.78 19.24
CA ASN F 116 21.53 -34.10 18.11
C ASN F 116 20.19 -34.44 17.57
N THR F 117 19.98 -35.71 17.28
CA THR F 117 18.72 -36.11 16.72
C THR F 117 17.88 -37.08 17.55
N LYS F 118 18.36 -37.46 18.72
CA LYS F 118 17.66 -38.39 19.60
C LYS F 118 16.42 -37.74 20.13
N ASN F 119 15.34 -38.49 20.16
CA ASN F 119 14.05 -38.01 20.64
C ASN F 119 13.65 -36.57 20.30
N ILE F 120 14.00 -36.12 19.10
CA ILE F 120 13.63 -34.78 18.74
C ILE F 120 13.08 -34.67 17.35
N VAL F 121 12.15 -33.78 17.15
CA VAL F 121 11.54 -33.62 15.83
C VAL F 121 12.47 -33.31 14.65
N TYR F 122 13.23 -32.22 14.82
CA TYR F 122 14.22 -31.73 13.86
C TYR F 122 15.55 -31.64 14.62
N PRO F 123 16.73 -31.92 14.01
CA PRO F 123 18.02 -31.84 14.75
C PRO F 123 18.15 -30.58 15.62
N PHE F 124 18.53 -30.80 16.90
CA PHE F 124 18.71 -29.70 17.84
C PHE F 124 19.41 -28.49 17.25
N ASP F 125 20.17 -28.67 16.16
CA ASP F 125 20.88 -27.56 15.55
C ASP F 125 20.16 -26.83 14.42
N GLN F 126 18.86 -26.86 14.42
CA GLN F 126 18.12 -26.18 13.38
C GLN F 126 17.25 -25.18 14.10
N TYR F 127 17.16 -25.40 15.41
CA TYR F 127 16.41 -24.56 16.26
C TYR F 127 17.24 -23.35 16.67
N ILE F 128 16.68 -22.12 16.62
CA ILE F 128 17.45 -20.94 17.02
C ILE F 128 16.93 -20.38 18.31
N ALA F 129 15.88 -21.01 18.83
CA ALA F 129 15.23 -20.63 20.06
C ALA F 129 14.42 -21.75 20.70
N HIS F 130 14.30 -21.64 21.99
CA HIS F 130 13.56 -22.57 22.77
C HIS F 130 12.80 -21.83 23.89
N TRP F 131 11.50 -21.66 23.65
CA TRP F 131 10.61 -21.00 24.54
C TRP F 131 9.76 -21.97 25.35
N ILE F 132 9.42 -21.56 26.54
CA ILE F 132 8.64 -22.38 27.43
C ILE F 132 7.48 -21.59 27.91
N ILE F 133 6.32 -22.26 27.96
CA ILE F 133 5.10 -21.65 28.45
C ILE F 133 4.83 -22.34 29.76
N GLY F 134 4.86 -21.62 30.85
CA GLY F 134 4.60 -22.30 32.09
C GLY F 134 3.21 -21.88 32.56
N TYR F 135 2.52 -22.78 33.23
CA TYR F 135 1.20 -22.43 33.72
C TYR F 135 1.17 -22.84 35.18
N VAL F 136 0.62 -22.03 36.07
CA VAL F 136 0.58 -22.46 37.44
C VAL F 136 -0.86 -22.47 37.89
N TYR F 137 -1.28 -23.58 38.50
CA TYR F 137 -2.65 -23.71 38.96
C TYR F 137 -2.73 -24.30 40.34
N THR F 138 -3.80 -24.00 41.01
CA THR F 138 -4.02 -24.49 42.35
C THR F 138 -4.85 -25.76 42.31
N ARG F 139 -4.46 -26.80 43.01
CA ARG F 139 -5.30 -27.94 42.90
C ARG F 139 -6.47 -27.90 43.87
N VAL F 140 -7.67 -28.19 43.36
CA VAL F 140 -8.87 -28.16 44.19
C VAL F 140 -8.87 -29.22 45.29
N ALA F 141 -8.64 -28.75 46.52
CA ALA F 141 -8.59 -29.50 47.78
C ALA F 141 -8.91 -30.99 47.72
N THR F 142 -8.00 -31.78 48.31
CA THR F 142 -8.10 -33.23 48.39
C THR F 142 -8.71 -33.90 47.16
N ARG F 143 -9.29 -35.07 47.41
CA ARG F 143 -9.92 -35.87 46.36
C ARG F 143 -10.61 -37.10 46.94
N LYS F 144 -11.86 -37.29 46.55
CA LYS F 144 -12.64 -38.42 47.01
C LYS F 144 -13.17 -39.24 45.85
N SER F 145 -14.25 -38.74 45.26
CA SER F 145 -14.87 -39.41 44.13
C SER F 145 -15.48 -38.43 43.15
N SER F 146 -15.79 -38.92 41.97
CA SER F 146 -16.38 -38.14 40.92
C SER F 146 -17.70 -38.74 40.48
N LEU F 147 -17.62 -40.00 40.06
CA LEU F 147 -18.75 -40.80 39.58
C LEU F 147 -19.78 -40.03 38.78
N LYS F 148 -20.45 -39.10 39.45
CA LYS F 148 -21.49 -38.28 38.85
C LYS F 148 -21.12 -37.75 37.48
N THR F 149 -21.94 -38.17 36.51
CA THR F 149 -21.82 -37.81 35.12
C THR F 149 -22.94 -36.87 34.81
N TYR F 150 -22.65 -35.81 34.14
CA TYR F 150 -23.62 -34.83 33.83
C TYR F 150 -24.05 -34.91 32.38
N ASN F 151 -24.38 -33.74 31.81
CA ASN F 151 -24.83 -33.53 30.42
C ASN F 151 -24.76 -32.03 30.18
N ILE F 152 -24.89 -31.56 28.98
CA ILE F 152 -24.81 -30.10 28.73
C ILE F 152 -25.68 -29.11 29.59
N ASN F 153 -26.73 -29.64 30.23
CA ASN F 153 -27.62 -28.86 31.07
C ASN F 153 -27.01 -28.63 32.44
N GLU F 154 -26.32 -29.67 32.94
CA GLU F 154 -25.64 -29.63 34.24
C GLU F 154 -24.17 -29.05 34.16
N LEU F 155 -23.89 -28.31 33.06
CA LEU F 155 -22.60 -27.71 32.77
C LEU F 155 -22.01 -26.79 33.80
N ASN F 156 -22.81 -26.16 34.64
CA ASN F 156 -22.15 -25.29 35.62
C ASN F 156 -22.06 -25.93 36.97
N GLU F 157 -22.80 -27.04 37.10
CA GLU F 157 -22.89 -27.83 38.30
C GLU F 157 -21.71 -28.81 38.53
N ILE F 158 -20.90 -28.96 37.45
CA ILE F 158 -19.72 -29.81 37.40
C ILE F 158 -18.54 -29.11 38.05
N PRO F 159 -17.87 -29.83 38.94
CA PRO F 159 -16.71 -29.38 39.71
C PRO F 159 -15.40 -29.39 38.99
N LYS F 160 -14.79 -28.20 38.89
CA LYS F 160 -13.53 -28.06 38.22
C LYS F 160 -12.37 -28.62 39.00
N PRO F 161 -11.31 -29.03 38.26
CA PRO F 161 -10.14 -29.61 38.93
C PRO F 161 -9.01 -28.61 39.32
N TYR F 162 -9.18 -27.31 39.06
CA TYR F 162 -8.12 -26.39 39.43
C TYR F 162 -8.52 -24.97 39.25
N LYS F 163 -7.89 -24.03 39.95
CA LYS F 163 -8.29 -22.63 39.74
C LYS F 163 -7.13 -21.63 39.85
N GLY F 164 -7.25 -20.44 39.33
CA GLY F 164 -6.13 -19.50 39.47
C GLY F 164 -4.84 -19.80 38.70
N VAL F 165 -5.06 -20.15 37.46
CA VAL F 165 -4.03 -20.46 36.54
C VAL F 165 -3.36 -19.22 36.11
N LYS F 166 -2.04 -19.30 36.09
CA LYS F 166 -1.24 -18.22 35.68
C LYS F 166 -0.34 -18.67 34.52
N VAL F 167 0.26 -17.72 33.83
CA VAL F 167 1.10 -18.05 32.70
C VAL F 167 2.26 -17.09 32.53
N PHE F 168 3.32 -17.61 31.85
CA PHE F 168 4.54 -16.88 31.57
C PHE F 168 5.33 -17.50 30.48
N LEU F 169 5.99 -16.69 29.66
CA LEU F 169 6.82 -17.19 28.56
C LEU F 169 8.26 -16.97 28.96
N GLN F 170 9.20 -17.74 28.46
CA GLN F 170 10.55 -17.47 28.91
C GLN F 170 11.52 -18.38 28.24
N ASP F 171 12.76 -17.97 28.00
CA ASP F 171 13.62 -18.94 27.37
C ASP F 171 13.86 -20.06 28.34
N LYS F 172 14.05 -21.25 27.78
CA LYS F 172 14.30 -22.39 28.62
C LYS F 172 15.49 -22.09 29.52
N TRP F 173 16.69 -22.03 28.91
CA TRP F 173 17.94 -21.76 29.59
C TRP F 173 17.88 -20.76 30.70
N VAL F 174 17.11 -19.73 30.52
CA VAL F 174 16.97 -18.68 31.54
C VAL F 174 16.30 -19.12 32.87
N ILE F 175 15.32 -19.99 32.77
CA ILE F 175 14.65 -20.43 33.96
C ILE F 175 15.14 -21.79 34.44
N ALA F 176 16.11 -22.37 33.71
CA ALA F 176 16.64 -23.68 34.10
C ALA F 176 17.33 -23.69 35.48
N GLY F 177 17.52 -24.87 36.05
CA GLY F 177 18.17 -24.95 37.36
C GLY F 177 19.33 -25.90 37.39
N ASP F 178 20.02 -25.95 38.51
CA ASP F 178 21.15 -26.82 38.62
C ASP F 178 20.77 -28.19 39.14
N LEU F 179 19.50 -28.37 39.41
CA LEU F 179 19.15 -29.65 39.90
C LEU F 179 18.39 -30.44 38.88
N ALA F 180 18.53 -31.76 38.91
CA ALA F 180 17.81 -32.51 37.97
C ALA F 180 16.42 -32.48 38.41
N GLY F 181 15.50 -32.38 37.46
CA GLY F 181 14.07 -32.31 37.70
C GLY F 181 13.37 -33.64 37.96
N SER F 182 14.09 -34.74 37.74
CA SER F 182 13.52 -36.05 37.96
C SER F 182 14.55 -37.15 38.04
N GLY F 183 14.24 -38.15 38.84
CA GLY F 183 15.12 -39.29 39.06
C GLY F 183 15.43 -40.16 37.84
N ASN F 184 14.71 -41.30 37.77
CA ASN F 184 14.92 -42.23 36.69
C ASN F 184 14.70 -41.66 35.36
N THR F 185 13.76 -40.74 35.26
CA THR F 185 13.48 -40.15 33.98
C THR F 185 14.43 -39.12 33.39
N THR F 186 15.53 -38.84 34.08
CA THR F 186 16.55 -37.88 33.63
C THR F 186 16.15 -36.43 33.25
N ASN F 187 15.11 -35.88 33.88
CA ASN F 187 14.71 -34.52 33.55
C ASN F 187 15.53 -33.33 34.03
N ILE F 188 15.43 -32.29 33.23
CA ILE F 188 16.12 -31.07 33.55
C ILE F 188 15.17 -30.37 34.53
N GLY F 189 15.62 -30.06 35.71
CA GLY F 189 14.74 -29.41 36.65
C GLY F 189 14.92 -27.88 36.57
N SER F 190 13.80 -27.14 36.67
CA SER F 190 13.87 -25.68 36.61
C SER F 190 14.51 -25.12 37.87
N ILE F 191 14.21 -23.88 38.10
CA ILE F 191 14.69 -23.15 39.22
C ILE F 191 13.62 -23.06 40.31
N HIS F 192 13.94 -23.26 41.56
CA HIS F 192 12.88 -23.18 42.53
C HIS F 192 12.68 -21.76 42.92
N ALA F 193 11.62 -21.17 42.44
CA ALA F 193 11.34 -19.79 42.76
C ALA F 193 9.86 -19.54 42.77
N HIS F 194 9.51 -18.29 42.96
CA HIS F 194 8.13 -17.84 42.99
C HIS F 194 7.73 -17.51 41.56
N TYR F 195 6.43 -17.48 41.27
CA TYR F 195 5.96 -17.15 39.92
C TYR F 195 6.73 -15.95 39.35
N LYS F 196 6.59 -14.81 40.07
CA LYS F 196 7.19 -13.50 39.81
C LYS F 196 8.60 -13.58 39.22
N ASP F 197 9.45 -14.34 39.86
CA ASP F 197 10.82 -14.52 39.41
C ASP F 197 10.91 -15.12 38.02
N PHE F 198 10.04 -16.08 37.76
CA PHE F 198 10.03 -16.75 36.47
C PHE F 198 9.73 -15.78 35.36
N VAL F 199 8.68 -15.02 35.60
CA VAL F 199 8.20 -14.01 34.68
C VAL F 199 9.28 -12.92 34.37
N GLU F 200 10.03 -12.52 35.41
CA GLU F 200 11.09 -11.50 35.38
C GLU F 200 12.50 -11.99 35.07
N GLY F 201 12.64 -13.30 34.89
CA GLY F 201 13.92 -13.94 34.58
C GLY F 201 14.99 -13.99 35.68
N LYS F 202 14.60 -13.98 36.93
CA LYS F 202 15.62 -14.05 37.97
C LYS F 202 16.33 -15.43 37.84
N GLY F 203 16.99 -15.70 36.74
CA GLY F 203 17.64 -17.01 36.56
C GLY F 203 18.93 -17.30 37.34
N ILE F 204 19.64 -18.40 36.89
CA ILE F 204 20.89 -18.97 37.42
C ILE F 204 22.09 -19.02 36.46
N PHE F 205 21.89 -19.33 35.20
CA PHE F 205 23.01 -19.38 34.26
C PHE F 205 23.35 -18.01 33.66
N ASP F 206 24.59 -17.61 33.56
CA ASP F 206 24.80 -16.31 33.00
C ASP F 206 24.55 -16.23 31.54
N SER F 207 24.33 -17.34 30.93
CA SER F 207 24.08 -17.35 29.51
C SER F 207 23.62 -18.72 29.08
N GLU F 208 23.29 -18.84 27.83
CA GLU F 208 22.82 -20.07 27.26
C GLU F 208 23.91 -21.07 26.98
N ASP F 209 25.12 -20.62 26.88
CA ASP F 209 26.20 -21.52 26.60
C ASP F 209 26.58 -22.28 27.85
N GLU F 210 26.56 -21.55 29.00
CA GLU F 210 26.89 -22.02 30.35
C GLU F 210 25.93 -23.08 30.77
N PHE F 211 24.70 -22.91 30.31
CA PHE F 211 23.55 -23.77 30.56
C PHE F 211 23.68 -25.06 29.88
N LEU F 212 23.99 -25.00 28.61
CA LEU F 212 24.12 -26.20 27.82
C LEU F 212 25.18 -27.15 28.31
N ASP F 213 26.33 -26.55 28.60
CA ASP F 213 27.53 -27.21 29.08
C ASP F 213 27.30 -27.73 30.45
N TYR F 214 26.59 -26.95 31.27
CA TYR F 214 26.31 -27.41 32.60
C TYR F 214 25.58 -28.81 32.57
N TRP F 215 24.57 -28.94 31.69
CA TRP F 215 23.76 -30.16 31.52
C TRP F 215 24.33 -31.27 30.63
N ARG F 216 25.24 -30.93 29.72
CA ARG F 216 25.86 -31.89 28.80
C ARG F 216 26.96 -32.67 29.51
N ASN F 217 27.33 -32.11 30.67
CA ASN F 217 28.36 -32.64 31.54
C ASN F 217 27.86 -33.12 32.90
N TYR F 218 26.53 -33.07 33.12
CA TYR F 218 25.92 -33.53 34.36
C TYR F 218 25.91 -35.02 34.44
N GLU F 219 26.49 -35.56 35.47
CA GLU F 219 26.49 -36.98 35.59
C GLU F 219 25.08 -37.49 35.92
N ARG F 220 24.68 -38.64 35.40
CA ARG F 220 23.35 -39.14 35.68
C ARG F 220 23.36 -39.81 37.02
N THR F 221 24.56 -40.23 37.40
CA THR F 221 24.85 -40.91 38.65
C THR F 221 25.33 -39.97 39.75
N SER F 222 24.63 -40.02 40.88
CA SER F 222 24.96 -39.19 42.01
C SER F 222 26.36 -39.52 42.51
N GLN F 223 26.82 -40.72 42.16
CA GLN F 223 28.13 -41.20 42.54
C GLN F 223 29.24 -40.48 41.78
N LEU F 224 29.03 -40.32 40.48
CA LEU F 224 30.00 -39.67 39.62
C LEU F 224 30.14 -38.17 39.86
N ARG F 225 29.03 -37.50 40.19
CA ARG F 225 29.08 -36.07 40.44
C ARG F 225 29.79 -35.72 41.73
N ASN F 226 29.77 -36.66 42.68
CA ASN F 226 30.40 -36.46 43.98
C ASN F 226 31.92 -36.28 43.91
N ASP F 227 32.40 -35.87 42.73
CA ASP F 227 33.82 -35.65 42.50
C ASP F 227 34.09 -34.96 41.16
N LYS F 228 33.07 -34.22 40.73
CA LYS F 228 33.03 -33.44 39.49
C LYS F 228 32.24 -32.13 39.78
N TYR F 229 30.89 -32.17 39.75
CA TYR F 229 30.03 -31.00 40.06
C TYR F 229 28.61 -31.36 40.36
N ASN F 230 28.03 -30.75 41.44
CA ASN F 230 26.61 -31.03 41.87
C ASN F 230 25.70 -29.84 41.88
N ASN F 231 26.26 -28.72 41.55
CA ASN F 231 25.53 -27.53 41.53
C ASN F 231 26.36 -26.52 40.79
N ILE F 232 25.68 -25.40 40.43
CA ILE F 232 26.24 -24.24 39.70
C ILE F 232 27.56 -23.77 40.24
N SER F 233 27.76 -23.90 41.54
CA SER F 233 29.04 -23.47 42.12
C SER F 233 30.17 -24.45 41.91
N GLU F 234 29.93 -25.74 42.17
CA GLU F 234 31.01 -26.69 41.95
C GLU F 234 31.42 -26.62 40.45
N TYR F 235 30.43 -26.31 39.64
CA TYR F 235 30.61 -26.20 38.23
C TYR F 235 31.47 -25.03 37.82
N ARG F 236 31.13 -23.80 38.29
CA ARG F 236 31.94 -22.64 37.91
C ARG F 236 33.37 -22.75 38.34
N ASN F 237 33.54 -23.31 39.57
CA ASN F 237 34.83 -23.54 40.13
C ASN F 237 35.47 -24.37 39.06
N TRP F 238 34.90 -25.57 38.88
CA TRP F 238 35.28 -26.58 37.90
C TRP F 238 35.82 -25.94 36.63
N ILE F 239 35.33 -24.74 36.34
CA ILE F 239 35.75 -24.00 35.19
C ILE F 239 37.21 -23.38 35.32
N TYR F 240 37.99 -23.78 36.40
CA TYR F 240 39.39 -23.33 36.72
C TYR F 240 40.25 -24.50 37.26
#